data_8V5D
#
_entry.id   8V5D
#
_cell.length_a   1.00
_cell.length_b   1.00
_cell.length_c   1.00
_cell.angle_alpha   90.00
_cell.angle_beta   90.00
_cell.angle_gamma   90.00
#
_symmetry.space_group_name_H-M   'P 1'
#
_entity_poly.entity_id   1
_entity_poly.type   'polypeptide(L)'
_entity_poly.pdbx_seq_one_letter_code
;MGGSHHHHHHGSRFMVSSSVPASDPSDGQRRRQQQQQQQQQQQQQPQQPQVLSSEGGQLRHNPLDIQMLSRGLHEQIFGQ
GGEMPGEAAVRRSVEHLQKHGLWGQPAVPLPDVELRLPPLYGDNLDQHFRLLAQKQSLPYLEAANLLLQAQLPPKPPAWA
WAEGWTRYGPEGEAVPVAIPEERALVFAVAVCLAEGTCPTLAVAISPSAWYSWCSQRLVEERYSWTSQLSPADLIPLEVP
TGASSPTQRDWQEQLVVGHNVSFDRAHIREQYLIQGSRMRFLDTMSMHMAISGLSSFQRSLWIAAKQGKHKVQPPTKQGQ
KSQRKARRGPAISSWDWLDISSVNSLAEVHRLYVGGPPLEKEPRELFVKGTMKDIRENFQDLMQYCAQDVWATHEVFQQQ
LPLFLERCPHPVTLAGMLEMGVSYLPVNQNWERYLAEAQGTYEELQREMKKSLMDLANDACQLLSGERYKEDPWLWDLEW
DLQEFKQKKAKKVKKEPATASKLPIEGAGAPGDPMDQEDLGPCSEEEEFQQDVMARACLQKLKGTTELLPKRPQHLPGHP
GWYRKLCPRLDDPAWTPGPSLLSLQMRVTPKLMALTWDGFPLHYSERHGWGYLVPGRRDNLAKLPTGTTLESAGVVCPYR
AIESLYRKHCLEQGKQQLMPQEAGLAEEFLLTDNSAIWQTVEELDYLEVEAEAKMENLRAAVPGQPLALTARGGPKDTQP
SYHHGNGPYNDVDIPGCWFFKLPHKDGNSCNVGSPFAKDFLPKMEDGTLQAGPGGASGPRALEINKMISFWRNAHKRISS
QMVVWLPRSALPRAVIRHPDYDEEGLYGAILPQVVTAGTITRRAVEPTWLTASNARPDRVGSELKAMVQAPPGYTLVGAD
VDSQELWIAAVLGDAHFAGMHGCTAFGWMTLQGRKSRGTDLHSKTATTVGISREHAKIFNYGRIYGAGQPFAERLLMQFN
HRLTQQEAAEKAQQMYAATKGLRWYRLSDEGEWLVRELNLPVDRTEGGWISLQDLRKVQRETARKSQWKKWEVVAERAWK
GGTESEMFNKLESIATSDIPRTPVLGCCISRALEPSAVQEEFMTSRVNWVVQSSAVDYLHLMLVAMKWLFEEFAIDGRFC
ISIHDEVRYLVREEDRYRAALALQITNLLTRCMFAYKLGLNDLPQSVAFFSAVDIDRCLRKEVTMDCKTPSNPTGMERRY
GIPQGEALDIYQIIELTKGSLEKRSQPGP
;
_entity_poly.pdbx_strand_id   A
#
# COMPACT_ATOMS: atom_id res chain seq x y z
N GLY A 57 7.48 19.54 -37.88
CA GLY A 57 6.55 18.44 -37.66
C GLY A 57 6.09 18.34 -36.22
N GLN A 58 5.44 17.22 -35.89
CA GLN A 58 4.97 17.00 -34.53
C GLN A 58 6.11 16.94 -33.53
N LEU A 59 7.31 16.62 -33.99
CA LEU A 59 8.48 16.69 -33.12
C LEU A 59 8.77 18.14 -32.75
N ARG A 60 9.15 18.36 -31.50
CA ARG A 60 9.51 19.68 -31.04
C ARG A 60 10.65 19.56 -30.05
N HIS A 61 11.50 20.58 -30.01
CA HIS A 61 12.66 20.57 -29.14
C HIS A 61 12.74 21.87 -28.37
N ASN A 62 13.28 21.78 -27.16
CA ASN A 62 13.60 22.95 -26.36
C ASN A 62 14.96 23.48 -26.75
N PRO A 63 15.32 24.69 -26.30
CA PRO A 63 16.67 25.21 -26.57
C PRO A 63 17.79 24.36 -25.99
N LEU A 64 17.45 23.27 -25.29
CA LEU A 64 18.42 22.32 -24.79
C LEU A 64 18.27 20.95 -25.46
N ASP A 65 17.77 20.95 -26.69
CA ASP A 65 17.63 19.77 -27.56
C ASP A 65 17.11 18.54 -26.79
N ILE A 66 15.92 18.68 -26.24
CA ILE A 66 15.15 17.55 -25.71
C ILE A 66 13.77 17.59 -26.33
N GLN A 67 13.33 16.45 -26.84
CA GLN A 67 12.00 16.37 -27.45
C GLN A 67 10.93 16.58 -26.40
N MET A 68 9.96 17.42 -26.72
CA MET A 68 8.82 17.68 -25.85
C MET A 68 7.61 16.91 -26.36
N LEU A 69 6.45 17.16 -25.75
CA LEU A 69 5.23 16.50 -26.18
C LEU A 69 4.93 16.84 -27.63
N SER A 70 3.99 16.11 -28.21
CA SER A 70 3.53 16.43 -29.54
C SER A 70 2.77 17.75 -29.53
N ARG A 71 2.65 18.36 -30.70
CA ARG A 71 1.99 19.66 -30.81
C ARG A 71 0.52 19.57 -30.39
N GLY A 72 -0.16 18.48 -30.75
CA GLY A 72 -1.54 18.32 -30.34
C GLY A 72 -1.69 18.21 -28.84
N LEU A 73 -0.87 17.36 -28.20
CA LEU A 73 -0.95 17.18 -26.76
C LEU A 73 -0.66 18.49 -26.04
N HIS A 74 0.42 19.18 -26.43
CA HIS A 74 0.80 20.40 -25.74
C HIS A 74 -0.23 21.50 -25.96
N GLU A 75 -0.77 21.59 -27.18
CA GLU A 75 -1.80 22.60 -27.46
C GLU A 75 -3.07 22.33 -26.66
N GLN A 76 -3.45 21.05 -26.54
CA GLN A 76 -4.67 20.74 -25.79
C GLN A 76 -4.46 20.90 -24.28
N ILE A 77 -3.24 20.73 -23.80
CA ILE A 77 -3.01 20.72 -22.36
C ILE A 77 -2.57 22.08 -21.85
N PHE A 78 -1.45 22.60 -22.33
CA PHE A 78 -0.92 23.88 -21.88
C PHE A 78 -1.43 25.06 -22.70
N GLY A 79 -2.30 24.82 -23.67
CA GLY A 79 -2.80 25.92 -24.48
C GLY A 79 -1.76 26.42 -25.47
N GLN A 80 -1.94 27.66 -25.90
CA GLN A 80 -1.05 28.31 -26.85
C GLN A 80 -0.48 29.58 -26.25
N GLY A 81 0.81 29.80 -26.45
CA GLY A 81 1.45 31.00 -25.96
C GLY A 81 2.03 30.82 -24.56
N GLY A 82 3.04 31.62 -24.27
CA GLY A 82 3.69 31.55 -22.97
C GLY A 82 4.91 32.44 -22.94
N GLU A 83 5.55 32.46 -21.78
CA GLU A 83 6.74 33.28 -21.58
C GLU A 83 7.98 32.51 -22.04
N MET A 84 8.64 33.02 -23.07
CA MET A 84 9.83 32.37 -23.58
C MET A 84 10.96 32.46 -22.56
N PRO A 85 11.79 31.41 -22.45
CA PRO A 85 12.88 31.44 -21.47
C PRO A 85 13.89 32.54 -21.77
N GLY A 86 14.46 33.10 -20.71
CA GLY A 86 15.42 34.16 -20.87
C GLY A 86 16.75 33.66 -21.40
N GLU A 87 17.50 34.57 -22.03
CA GLU A 87 18.81 34.21 -22.56
C GLU A 87 19.79 33.87 -21.45
N ALA A 88 19.73 34.60 -20.34
CA ALA A 88 20.63 34.32 -19.22
C ALA A 88 20.39 32.93 -18.64
N ALA A 89 19.13 32.55 -18.48
CA ALA A 89 18.81 31.22 -17.96
C ALA A 89 19.27 30.13 -18.91
N VAL A 90 19.07 30.34 -20.22
CA VAL A 90 19.52 29.37 -21.21
C VAL A 90 21.03 29.21 -21.14
N ARG A 91 21.75 30.33 -21.06
CA ARG A 91 23.20 30.28 -20.98
C ARG A 91 23.66 29.56 -19.71
N ARG A 92 23.00 29.84 -18.58
CA ARG A 92 23.35 29.17 -17.33
C ARG A 92 23.11 27.67 -17.42
N SER A 93 21.98 27.27 -18.00
CA SER A 93 21.70 25.85 -18.14
C SER A 93 22.71 25.16 -19.05
N VAL A 94 23.07 25.82 -20.16
CA VAL A 94 24.06 25.24 -21.07
C VAL A 94 25.41 25.11 -20.36
N GLU A 95 25.79 26.12 -19.57
CA GLU A 95 27.04 26.04 -18.82
C GLU A 95 27.01 24.91 -17.80
N HIS A 96 25.87 24.73 -17.12
CA HIS A 96 25.75 23.63 -16.16
C HIS A 96 25.85 22.28 -16.87
N LEU A 97 25.22 22.15 -18.04
CA LEU A 97 25.31 20.91 -18.80
C LEU A 97 26.74 20.64 -19.26
N GLN A 98 27.45 21.67 -19.70
CA GLN A 98 28.83 21.47 -20.13
C GLN A 98 29.74 21.19 -18.94
N LYS A 99 29.38 21.66 -17.75
CA LYS A 99 30.20 21.41 -16.57
C LYS A 99 30.29 19.93 -16.26
N HIS A 100 29.19 19.21 -16.39
CA HIS A 100 29.18 17.77 -16.21
C HIS A 100 29.51 17.00 -17.48
N GLY A 101 29.76 17.70 -18.59
CA GLY A 101 30.15 17.05 -19.83
C GLY A 101 29.08 16.17 -20.43
N LEU A 102 27.83 16.61 -20.42
CA LEU A 102 26.71 15.85 -20.96
C LEU A 102 25.85 16.74 -21.85
N TRP A 103 26.50 17.54 -22.68
CA TRP A 103 25.81 18.48 -23.57
C TRP A 103 26.13 18.13 -25.01
N GLY A 104 25.14 18.29 -25.88
CA GLY A 104 25.32 18.05 -27.29
C GLY A 104 25.21 16.61 -27.72
N GLN A 105 24.89 15.70 -26.80
CA GLN A 105 24.77 14.29 -27.15
C GLN A 105 23.49 14.07 -27.94
N PRO A 106 23.57 13.56 -29.18
CA PRO A 106 22.34 13.32 -29.94
C PRO A 106 21.51 12.22 -29.30
N ALA A 107 20.21 12.30 -29.51
CA ALA A 107 19.28 11.32 -28.97
C ALA A 107 18.31 10.88 -30.06
N VAL A 108 18.13 9.57 -30.19
CA VAL A 108 17.20 9.03 -31.18
C VAL A 108 15.79 9.39 -30.76
N PRO A 109 15.01 10.04 -31.62
CA PRO A 109 13.66 10.44 -31.23
C PRO A 109 12.76 9.25 -30.97
N LEU A 110 12.04 9.31 -29.85
CA LEU A 110 10.98 8.34 -29.64
C LEU A 110 9.80 8.68 -30.54
N PRO A 111 9.05 7.69 -31.00
CA PRO A 111 7.90 7.96 -31.86
C PRO A 111 6.90 8.86 -31.16
N ASP A 112 6.32 9.79 -31.91
CA ASP A 112 5.41 10.76 -31.32
C ASP A 112 4.07 10.11 -31.01
N VAL A 113 3.43 10.60 -29.94
CA VAL A 113 2.13 10.09 -29.50
C VAL A 113 1.10 11.19 -29.72
N GLU A 114 0.04 10.85 -30.44
CA GLU A 114 -1.07 11.77 -30.70
C GLU A 114 -2.34 11.11 -30.19
N LEU A 115 -2.97 11.72 -29.19
CA LEU A 115 -4.21 11.21 -28.63
C LEU A 115 -5.08 12.37 -28.19
N ARG A 116 -6.39 12.16 -28.25
CA ARG A 116 -7.37 13.18 -27.89
C ARG A 116 -7.81 12.90 -26.45
N LEU A 117 -7.29 13.70 -25.51
CA LEU A 117 -7.62 13.52 -24.11
C LEU A 117 -9.07 13.92 -23.85
N PRO A 118 -9.67 13.41 -22.77
CA PRO A 118 -11.03 13.81 -22.42
C PRO A 118 -11.07 15.30 -22.06
N PRO A 119 -12.23 15.94 -22.21
CA PRO A 119 -12.31 17.37 -21.92
C PRO A 119 -11.91 17.67 -20.48
N LEU A 120 -11.20 18.78 -20.30
CA LEU A 120 -10.74 19.21 -18.99
C LEU A 120 -11.58 20.40 -18.54
N TYR A 121 -12.18 20.27 -17.37
CA TYR A 121 -13.09 21.28 -16.86
C TYR A 121 -12.33 22.56 -16.50
N GLY A 122 -13.06 23.67 -16.48
CA GLY A 122 -12.44 24.94 -16.15
C GLY A 122 -11.57 25.47 -17.27
N ASP A 123 -10.78 26.48 -16.92
CA ASP A 123 -9.90 27.14 -17.87
C ASP A 123 -8.42 26.90 -17.56
N ASN A 124 -8.12 25.98 -16.65
CA ASN A 124 -6.74 25.74 -16.24
C ASN A 124 -6.65 24.35 -15.64
N LEU A 125 -5.42 23.87 -15.50
CA LEU A 125 -5.18 22.52 -14.99
C LEU A 125 -5.55 22.42 -13.51
N ASP A 126 -5.07 23.35 -12.69
CA ASP A 126 -5.43 23.35 -11.27
C ASP A 126 -6.93 23.55 -11.10
N GLN A 127 -7.53 24.41 -11.92
CA GLN A 127 -8.97 24.55 -11.92
C GLN A 127 -9.65 23.23 -12.28
N HIS A 128 -9.12 22.51 -13.26
CA HIS A 128 -9.70 21.24 -13.64
C HIS A 128 -9.69 20.24 -12.49
N PHE A 129 -8.55 20.13 -11.80
CA PHE A 129 -8.45 19.15 -10.73
C PHE A 129 -9.27 19.57 -9.52
N ARG A 130 -9.31 20.88 -9.22
CA ARG A 130 -10.17 21.38 -8.14
C ARG A 130 -11.63 21.07 -8.43
N LEU A 131 -12.07 21.31 -9.67
CA LEU A 131 -13.45 21.02 -10.04
C LEU A 131 -13.75 19.53 -9.92
N LEU A 132 -12.83 18.69 -10.38
CA LEU A 132 -13.03 17.24 -10.29
C LEU A 132 -13.20 16.81 -8.85
N ALA A 133 -12.30 17.26 -7.97
CA ALA A 133 -12.35 16.81 -6.58
C ALA A 133 -13.57 17.35 -5.85
N GLN A 134 -13.95 18.60 -6.12
CA GLN A 134 -15.17 19.14 -5.52
C GLN A 134 -16.39 18.36 -5.99
N LYS A 135 -16.48 18.08 -7.30
CA LYS A 135 -17.60 17.29 -7.80
C LYS A 135 -17.65 15.92 -7.15
N GLN A 136 -16.48 15.33 -6.91
CA GLN A 136 -16.46 14.00 -6.32
C GLN A 136 -16.89 14.00 -4.86
N SER A 137 -16.36 14.92 -4.05
CA SER A 137 -16.57 14.85 -2.61
C SER A 137 -17.50 15.93 -2.07
N LEU A 138 -18.31 16.56 -2.92
CA LEU A 138 -19.32 17.49 -2.42
C LEU A 138 -20.41 16.81 -1.61
N PRO A 139 -21.08 15.76 -2.08
CA PRO A 139 -22.14 15.15 -1.26
C PRO A 139 -21.64 14.61 0.07
N TYR A 140 -20.44 14.03 0.10
CA TYR A 140 -19.91 13.53 1.36
C TYR A 140 -19.55 14.68 2.30
N LEU A 141 -19.09 15.81 1.75
CA LEU A 141 -18.89 17.00 2.58
C LEU A 141 -20.21 17.50 3.15
N GLU A 142 -21.27 17.48 2.35
CA GLU A 142 -22.58 17.90 2.83
C GLU A 142 -23.05 17.00 3.96
N ALA A 143 -22.90 15.69 3.80
CA ALA A 143 -23.27 14.77 4.87
C ALA A 143 -22.39 14.97 6.10
N ALA A 144 -21.10 15.26 5.89
CA ALA A 144 -20.20 15.54 6.99
C ALA A 144 -20.66 16.76 7.79
N ASN A 145 -21.04 17.83 7.08
CA ASN A 145 -21.54 19.03 7.76
C ASN A 145 -22.88 18.75 8.45
N LEU A 146 -23.73 17.93 7.84
CA LEU A 146 -24.99 17.57 8.49
C LEU A 146 -24.75 16.86 9.81
N LEU A 147 -23.82 15.90 9.82
CA LEU A 147 -23.50 15.21 11.07
C LEU A 147 -22.80 16.15 12.05
N LEU A 148 -22.01 17.09 11.54
CA LEU A 148 -21.27 18.00 12.41
C LEU A 148 -22.20 18.97 13.14
N GLN A 149 -23.11 19.60 12.41
CA GLN A 149 -24.02 20.62 12.98
C GLN A 149 -25.37 19.96 13.21
N ALA A 150 -25.51 19.28 14.34
CA ALA A 150 -26.77 18.62 14.67
C ALA A 150 -26.82 18.35 16.17
N GLN A 151 -28.04 18.19 16.67
CA GLN A 151 -28.27 17.88 18.07
C GLN A 151 -28.08 16.38 18.31
N LEU A 152 -28.27 15.96 19.56
CA LEU A 152 -28.07 14.56 19.89
C LEU A 152 -28.91 14.18 21.10
N PRO A 153 -29.98 13.41 20.91
CA PRO A 153 -30.81 12.98 22.05
C PRO A 153 -30.03 12.09 23.00
N PRO A 154 -30.41 12.04 24.27
CA PRO A 154 -29.67 11.25 25.25
C PRO A 154 -29.80 9.76 24.97
N LYS A 155 -28.93 9.00 25.63
CA LYS A 155 -28.93 7.55 25.46
C LYS A 155 -30.26 6.97 25.94
N PRO A 156 -30.82 5.98 25.23
CA PRO A 156 -32.07 5.39 25.69
C PRO A 156 -31.87 4.64 26.99
N PRO A 157 -32.92 4.55 27.82
CA PRO A 157 -32.73 3.91 29.14
C PRO A 157 -32.41 2.43 29.05
N ALA A 158 -33.23 1.66 28.33
CA ALA A 158 -33.06 0.21 28.24
C ALA A 158 -32.99 -0.19 26.77
N TRP A 159 -31.97 -0.96 26.43
CA TRP A 159 -31.80 -1.45 25.08
C TRP A 159 -32.75 -2.59 24.79
N ALA A 160 -33.15 -2.71 23.52
CA ALA A 160 -34.08 -3.74 23.09
C ALA A 160 -33.37 -5.09 22.98
N TRP A 161 -34.14 -6.16 23.16
CA TRP A 161 -33.64 -7.52 23.02
C TRP A 161 -34.51 -8.21 21.96
N ALA A 162 -34.14 -8.02 20.70
CA ALA A 162 -34.89 -8.59 19.59
C ALA A 162 -33.98 -8.65 18.38
N GLU A 163 -34.34 -9.49 17.41
CA GLU A 163 -33.53 -9.67 16.23
C GLU A 163 -33.77 -8.51 15.25
N GLY A 164 -32.69 -8.03 14.66
CA GLY A 164 -32.76 -6.99 13.65
C GLY A 164 -32.54 -5.61 14.20
N TRP A 165 -32.70 -4.63 13.32
CA TRP A 165 -32.53 -3.23 13.71
C TRP A 165 -33.75 -2.73 14.49
N THR A 166 -33.48 -1.80 15.41
CA THR A 166 -34.52 -1.18 16.21
C THR A 166 -34.20 0.30 16.35
N ARG A 167 -35.23 1.13 16.19
CA ARG A 167 -35.10 2.58 16.30
C ARG A 167 -35.64 3.03 17.64
N TYR A 168 -34.88 3.87 18.33
CA TYR A 168 -35.26 4.37 19.65
C TYR A 168 -35.77 5.79 19.52
N GLY A 169 -36.96 6.04 20.05
CA GLY A 169 -37.54 7.36 20.01
C GLY A 169 -36.91 8.28 21.05
N PRO A 170 -37.37 9.52 21.06
CA PRO A 170 -36.84 10.50 22.03
C PRO A 170 -37.08 10.09 23.48
N GLU A 171 -38.19 9.42 23.76
CA GLU A 171 -38.55 9.06 25.12
C GLU A 171 -37.99 7.70 25.54
N GLY A 172 -37.19 7.06 24.70
CA GLY A 172 -36.67 5.75 24.99
C GLY A 172 -37.47 4.59 24.42
N GLU A 173 -38.59 4.87 23.75
CA GLU A 173 -39.38 3.81 23.13
C GLU A 173 -38.58 3.14 22.02
N ALA A 174 -38.81 1.84 21.84
CA ALA A 174 -38.10 1.05 20.85
C ALA A 174 -39.06 0.63 19.74
N VAL A 175 -38.72 1.00 18.51
CA VAL A 175 -39.54 0.70 17.34
C VAL A 175 -38.68 -0.13 16.39
N PRO A 176 -39.09 -1.37 16.06
CA PRO A 176 -38.29 -2.16 15.11
C PRO A 176 -38.29 -1.53 13.73
N VAL A 177 -37.13 -1.58 13.08
CA VAL A 177 -36.94 -1.08 11.72
C VAL A 177 -36.10 -2.09 10.95
N ALA A 178 -36.19 -2.02 9.62
CA ALA A 178 -35.39 -2.91 8.78
C ALA A 178 -33.96 -2.41 8.68
N ILE A 179 -33.77 -1.20 8.14
CA ILE A 179 -32.45 -0.61 8.01
C ILE A 179 -32.54 0.86 8.35
N PRO A 180 -31.45 1.43 8.89
CA PRO A 180 -31.40 2.88 9.11
C PRO A 180 -31.51 3.63 7.79
N GLU A 181 -32.13 4.80 7.83
CA GLU A 181 -32.40 5.61 6.66
C GLU A 181 -31.76 6.99 6.77
N GLU A 182 -30.49 7.03 7.16
CA GLU A 182 -29.79 8.29 7.39
C GLU A 182 -28.68 8.48 6.35
N ARG A 183 -28.49 9.72 5.91
CA ARG A 183 -27.40 10.03 5.01
C ARG A 183 -26.05 9.77 5.65
N ALA A 184 -25.84 10.32 6.85
CA ALA A 184 -24.59 10.17 7.56
C ALA A 184 -24.85 9.49 8.89
N LEU A 185 -23.96 8.57 9.26
CA LEU A 185 -24.10 7.86 10.53
C LEU A 185 -22.73 7.65 11.13
N VAL A 186 -22.73 7.19 12.37
CA VAL A 186 -21.54 6.64 13.02
C VAL A 186 -21.85 5.19 13.36
N PHE A 187 -20.87 4.31 13.14
CA PHE A 187 -21.10 2.88 13.18
C PHE A 187 -20.15 2.21 14.16
N ALA A 188 -20.61 1.09 14.71
CA ALA A 188 -19.80 0.27 15.61
C ALA A 188 -20.32 -1.15 15.53
N VAL A 189 -19.41 -2.12 15.64
CA VAL A 189 -19.76 -3.53 15.55
C VAL A 189 -19.15 -4.27 16.73
N ALA A 190 -19.75 -5.43 17.04
CA ALA A 190 -19.28 -6.30 18.11
C ALA A 190 -18.99 -7.68 17.54
N VAL A 191 -17.86 -8.26 17.94
CA VAL A 191 -17.41 -9.55 17.45
C VAL A 191 -16.93 -10.40 18.62
N CYS A 192 -17.51 -11.60 18.76
CA CYS A 192 -17.07 -12.57 19.75
C CYS A 192 -16.11 -13.53 19.07
N LEU A 193 -14.86 -13.55 19.53
CA LEU A 193 -13.82 -14.35 18.89
C LEU A 193 -13.94 -15.84 19.17
N ALA A 194 -14.80 -16.25 20.10
CA ALA A 194 -15.00 -17.66 20.39
C ALA A 194 -16.11 -18.29 19.56
N GLU A 195 -16.80 -17.50 18.73
CA GLU A 195 -17.86 -18.00 17.87
C GLU A 195 -17.50 -17.96 16.39
N GLY A 196 -16.65 -17.04 15.99
CA GLY A 196 -16.25 -16.93 14.61
C GLY A 196 -15.98 -15.49 14.26
N THR A 197 -16.12 -15.18 12.96
CA THR A 197 -15.93 -13.84 12.45
C THR A 197 -17.24 -13.11 12.20
N CYS A 198 -18.37 -13.72 12.54
CA CYS A 198 -19.65 -13.06 12.33
C CYS A 198 -19.84 -11.95 13.36
N PRO A 199 -20.32 -10.78 12.95
CA PRO A 199 -20.55 -9.69 13.91
C PRO A 199 -21.71 -9.99 14.84
N THR A 200 -21.71 -9.34 16.01
CA THR A 200 -22.67 -9.61 17.06
C THR A 200 -23.64 -8.45 17.34
N LEU A 201 -23.12 -7.25 17.63
CA LEU A 201 -23.97 -6.13 18.01
C LEU A 201 -23.55 -4.90 17.23
N ALA A 202 -24.50 -3.98 17.06
CA ALA A 202 -24.24 -2.72 16.37
C ALA A 202 -25.19 -1.66 16.89
N VAL A 203 -24.63 -0.49 17.23
CA VAL A 203 -25.41 0.67 17.64
C VAL A 203 -25.03 1.84 16.76
N ALA A 204 -26.02 2.54 16.23
CA ALA A 204 -25.78 3.62 15.29
C ALA A 204 -26.38 4.91 15.81
N ILE A 205 -25.81 6.02 15.36
CA ILE A 205 -26.22 7.36 15.78
C ILE A 205 -26.50 8.19 14.53
N SER A 206 -27.26 9.26 14.71
CA SER A 206 -27.66 10.12 13.60
C SER A 206 -28.24 11.40 14.18
N PRO A 207 -28.40 12.44 13.37
CA PRO A 207 -29.05 13.67 13.86
C PRO A 207 -30.45 13.43 14.38
N SER A 208 -31.16 12.42 13.89
CA SER A 208 -32.55 12.20 14.28
C SER A 208 -32.67 11.39 15.56
N ALA A 209 -32.21 10.15 15.55
CA ALA A 209 -32.35 9.27 16.70
C ALA A 209 -31.38 8.10 16.57
N TRP A 210 -31.20 7.38 17.67
CA TRP A 210 -30.28 6.25 17.71
C TRP A 210 -30.88 5.02 17.03
N TYR A 211 -30.03 4.01 16.85
CA TYR A 211 -30.44 2.72 16.31
C TYR A 211 -29.61 1.63 16.99
N SER A 212 -30.16 0.42 17.05
CA SER A 212 -29.47 -0.72 17.61
C SER A 212 -29.67 -1.94 16.72
N TRP A 213 -28.71 -2.87 16.79
CA TRP A 213 -28.73 -4.07 15.96
C TRP A 213 -28.25 -5.25 16.77
N CYS A 214 -29.03 -6.35 16.77
CA CYS A 214 -28.68 -7.56 17.48
C CYS A 214 -28.58 -8.71 16.48
N SER A 215 -27.51 -9.49 16.59
CA SER A 215 -27.29 -10.60 15.66
C SER A 215 -28.22 -11.76 15.96
N GLN A 216 -28.64 -12.45 14.89
CA GLN A 216 -29.47 -13.63 15.05
C GLN A 216 -28.74 -14.73 15.83
N ARG A 217 -27.41 -14.75 15.77
CA ARG A 217 -26.63 -15.74 16.52
C ARG A 217 -26.50 -15.38 17.99
N LEU A 218 -26.98 -14.21 18.40
CA LEU A 218 -27.04 -13.88 19.82
C LEU A 218 -28.44 -14.05 20.40
N VAL A 219 -29.47 -13.95 19.57
CA VAL A 219 -30.84 -14.08 20.05
C VAL A 219 -31.17 -15.57 20.18
N GLU A 220 -31.11 -16.29 19.07
CA GLU A 220 -31.34 -17.73 19.08
C GLU A 220 -30.04 -18.46 19.37
N GLU A 221 -30.16 -19.61 20.05
CA GLU A 221 -29.01 -20.44 20.38
C GLU A 221 -29.15 -21.78 19.65
N ARG A 222 -28.08 -22.21 19.01
CA ARG A 222 -28.06 -23.47 18.27
C ARG A 222 -26.77 -24.21 18.58
N TYR A 223 -26.82 -25.54 18.43
CA TYR A 223 -25.64 -26.35 18.68
C TYR A 223 -24.53 -26.06 17.69
N SER A 224 -24.88 -25.91 16.41
CA SER A 224 -23.89 -25.70 15.35
C SER A 224 -24.36 -24.60 14.42
N TRP A 225 -23.39 -23.89 13.85
CA TRP A 225 -23.63 -22.84 12.88
C TRP A 225 -22.85 -23.13 11.61
N THR A 226 -23.31 -22.55 10.50
CA THR A 226 -22.65 -22.75 9.22
C THR A 226 -21.22 -22.22 9.26
N SER A 227 -20.28 -23.01 8.74
CA SER A 227 -18.88 -22.64 8.73
C SER A 227 -18.51 -21.67 7.61
N GLN A 228 -19.37 -21.52 6.61
CA GLN A 228 -19.13 -20.61 5.49
C GLN A 228 -19.99 -19.37 5.67
N LEU A 229 -19.35 -18.20 5.66
CA LEU A 229 -20.08 -16.96 5.79
C LEU A 229 -20.91 -16.69 4.54
N SER A 230 -22.06 -16.08 4.74
CA SER A 230 -23.03 -15.80 3.70
C SER A 230 -23.53 -14.38 3.87
N PRO A 231 -24.08 -13.78 2.82
CA PRO A 231 -24.69 -12.45 2.98
C PRO A 231 -25.80 -12.42 4.03
N ALA A 232 -26.39 -13.57 4.34
CA ALA A 232 -27.45 -13.64 5.34
C ALA A 232 -26.93 -13.46 6.76
N ASP A 233 -25.62 -13.46 6.97
CA ASP A 233 -25.04 -13.43 8.31
C ASP A 233 -24.31 -12.13 8.62
N LEU A 234 -24.71 -11.02 8.01
CA LEU A 234 -24.02 -9.75 8.17
C LEU A 234 -25.01 -8.64 8.56
N ILE A 235 -24.53 -7.42 8.50
CA ILE A 235 -25.26 -6.25 9.00
C ILE A 235 -25.82 -5.48 7.81
N PRO A 236 -27.13 -5.27 7.73
CA PRO A 236 -27.77 -4.54 6.60
C PRO A 236 -27.67 -3.02 6.71
N LEU A 237 -26.56 -2.47 6.23
CA LEU A 237 -26.32 -1.02 6.29
C LEU A 237 -26.30 -0.39 4.89
N GLU A 238 -27.25 -0.77 4.03
CA GLU A 238 -27.34 -0.17 2.72
C GLU A 238 -28.79 0.08 2.36
N VAL A 239 -29.01 1.09 1.52
CA VAL A 239 -30.35 1.48 1.09
C VAL A 239 -30.37 1.64 -0.43
N PRO A 240 -30.89 0.67 -1.17
CA PRO A 240 -31.02 0.84 -2.63
C PRO A 240 -31.97 1.97 -2.96
N THR A 241 -31.66 2.72 -4.02
CA THR A 241 -32.47 3.85 -4.44
C THR A 241 -33.86 3.39 -4.90
N TRP A 251 -32.35 12.73 -1.97
CA TRP A 251 -30.89 12.68 -1.91
C TRP A 251 -30.36 11.32 -2.35
N GLN A 252 -29.07 11.26 -2.66
CA GLN A 252 -28.42 10.03 -3.08
C GLN A 252 -27.04 9.96 -2.46
N GLU A 253 -26.49 8.73 -2.42
CA GLU A 253 -25.17 8.43 -1.87
C GLU A 253 -25.14 8.62 -0.36
N GLN A 254 -24.28 7.88 0.33
CA GLN A 254 -24.26 7.90 1.78
C GLN A 254 -22.84 8.05 2.29
N LEU A 255 -22.73 8.51 3.52
CA LEU A 255 -21.47 8.68 4.23
C LEU A 255 -21.52 7.90 5.53
N VAL A 256 -20.50 7.11 5.80
CA VAL A 256 -20.37 6.41 7.07
C VAL A 256 -19.07 6.84 7.72
N VAL A 257 -19.16 7.25 8.98
CA VAL A 257 -18.03 7.80 9.71
C VAL A 257 -17.73 6.90 10.89
N GLY A 258 -16.46 6.55 11.06
CA GLY A 258 -16.07 5.74 12.20
C GLY A 258 -14.56 5.69 12.32
N HIS A 259 -14.11 5.28 13.49
CA HIS A 259 -12.69 5.15 13.78
C HIS A 259 -12.23 3.79 13.29
N ASN A 260 -11.27 3.78 12.37
CA ASN A 260 -10.87 2.57 11.64
C ASN A 260 -12.11 1.93 11.02
N VAL A 261 -12.80 2.72 10.20
CA VAL A 261 -14.08 2.31 9.63
C VAL A 261 -13.94 1.14 8.67
N SER A 262 -12.72 0.71 8.38
CA SER A 262 -12.54 -0.49 7.56
C SER A 262 -13.11 -1.71 8.25
N PHE A 263 -12.94 -1.82 9.57
CA PHE A 263 -13.47 -2.95 10.31
C PHE A 263 -14.99 -2.98 10.22
N ASP A 264 -15.64 -1.82 10.37
CA ASP A 264 -17.09 -1.77 10.28
C ASP A 264 -17.57 -1.94 8.84
N ARG A 265 -16.73 -1.61 7.86
CA ARG A 265 -17.06 -1.89 6.46
C ARG A 265 -16.99 -3.39 6.19
N ALA A 266 -16.07 -4.09 6.85
CA ALA A 266 -15.92 -5.52 6.63
C ALA A 266 -17.15 -6.31 7.06
N HIS A 267 -17.94 -5.78 7.99
CA HIS A 267 -19.08 -6.49 8.54
C HIS A 267 -20.41 -5.99 7.99
N ILE A 268 -20.42 -5.44 6.79
CA ILE A 268 -21.64 -4.96 6.16
C ILE A 268 -22.05 -5.93 5.07
N ARG A 269 -23.34 -6.29 5.04
CA ARG A 269 -23.83 -7.33 4.15
C ARG A 269 -23.66 -6.93 2.68
N GLU A 270 -23.95 -5.69 2.34
CA GLU A 270 -23.94 -5.25 0.95
C GLU A 270 -22.58 -4.73 0.49
N GLN A 271 -21.57 -4.74 1.36
CA GLN A 271 -20.25 -4.26 0.96
C GLN A 271 -19.48 -5.25 0.10
N TYR A 272 -19.99 -6.47 -0.06
CA TYR A 272 -19.32 -7.50 -0.84
C TYR A 272 -19.91 -7.64 -2.25
N LEU A 273 -20.80 -6.76 -2.66
CA LEU A 273 -21.35 -6.85 -4.01
C LEU A 273 -20.30 -6.41 -5.03
N ILE A 274 -20.50 -6.84 -6.28
CA ILE A 274 -19.60 -6.49 -7.37
C ILE A 274 -20.18 -5.43 -8.29
N GLN A 275 -21.49 -5.18 -8.22
CA GLN A 275 -22.11 -4.19 -9.10
C GLN A 275 -21.54 -2.80 -8.83
N GLY A 276 -21.77 -2.28 -7.63
CA GLY A 276 -21.26 -0.98 -7.26
C GLY A 276 -21.61 -0.68 -5.83
N SER A 277 -20.86 0.26 -5.25
CA SER A 277 -21.03 0.64 -3.84
C SER A 277 -21.92 1.86 -3.68
N ARG A 278 -21.60 2.96 -4.37
CA ARG A 278 -22.30 4.23 -4.20
C ARG A 278 -22.28 4.68 -2.75
N MET A 279 -21.21 4.33 -2.06
CA MET A 279 -21.06 4.67 -0.65
C MET A 279 -19.58 4.71 -0.32
N ARG A 280 -19.19 5.73 0.45
CA ARG A 280 -17.82 5.88 0.89
C ARG A 280 -17.79 5.93 2.40
N PHE A 281 -16.63 5.60 2.96
CA PHE A 281 -16.45 5.52 4.40
C PHE A 281 -15.41 6.54 4.82
N LEU A 282 -15.74 7.30 5.86
CA LEU A 282 -14.86 8.33 6.38
C LEU A 282 -14.26 7.85 7.69
N ASP A 283 -12.95 7.95 7.80
CA ASP A 283 -12.22 7.38 8.91
C ASP A 283 -11.58 8.50 9.71
N THR A 284 -11.84 8.52 11.01
CA THR A 284 -11.19 9.50 11.87
C THR A 284 -9.70 9.19 12.01
N MET A 285 -9.30 7.94 11.78
CA MET A 285 -7.88 7.61 11.77
C MET A 285 -7.17 8.33 10.64
N SER A 286 -7.77 8.35 9.44
CA SER A 286 -7.14 9.00 8.30
C SER A 286 -7.01 10.50 8.52
N MET A 287 -8.08 11.15 8.96
CA MET A 287 -8.02 12.58 9.21
C MET A 287 -7.08 12.91 10.35
N HIS A 288 -7.08 12.09 11.40
CA HIS A 288 -6.16 12.32 12.51
C HIS A 288 -4.71 12.19 12.07
N MET A 289 -4.41 11.21 11.22
CA MET A 289 -3.05 11.09 10.69
C MET A 289 -2.71 12.28 9.81
N ALA A 290 -3.65 12.73 8.98
CA ALA A 290 -3.37 13.85 8.09
C ALA A 290 -3.11 15.14 8.88
N ILE A 291 -3.86 15.37 9.96
CA ILE A 291 -3.78 16.64 10.67
C ILE A 291 -2.74 16.57 11.78
N SER A 292 -2.89 15.63 12.69
CA SER A 292 -2.02 15.51 13.87
C SER A 292 -1.47 14.10 13.98
N GLY A 293 -0.95 13.56 12.87
CA GLY A 293 -0.37 12.23 12.88
C GLY A 293 1.03 12.20 13.48
N LEU A 294 1.51 10.99 13.72
CA LEU A 294 2.84 10.76 14.26
C LEU A 294 3.52 9.63 13.50
N SER A 295 4.85 9.69 13.48
CA SER A 295 5.65 8.67 12.81
C SER A 295 6.13 7.62 13.80
N ILE A 340 -0.23 18.90 20.37
CA ILE A 340 -1.14 19.01 19.23
C ILE A 340 -1.04 17.76 18.36
N SER A 341 -0.69 16.64 18.97
CA SER A 341 -0.60 15.37 18.27
C SER A 341 -0.85 14.24 19.25
N SER A 342 -1.25 13.08 18.72
CA SER A 342 -1.54 11.92 19.54
C SER A 342 -1.47 10.68 18.67
N VAL A 343 -1.47 9.52 19.33
CA VAL A 343 -1.48 8.23 18.64
C VAL A 343 -2.86 7.99 18.06
N ASN A 344 -2.99 6.97 17.21
CA ASN A 344 -4.21 6.71 16.46
C ASN A 344 -5.34 6.15 17.31
N SER A 345 -5.12 5.85 18.60
CA SER A 345 -6.17 5.29 19.43
C SER A 345 -7.30 6.30 19.64
N LEU A 346 -8.54 5.80 19.55
CA LEU A 346 -9.70 6.69 19.56
C LEU A 346 -9.85 7.41 20.88
N ALA A 347 -9.47 6.77 21.99
CA ALA A 347 -9.49 7.46 23.28
C ALA A 347 -8.54 8.64 23.28
N GLU A 348 -7.32 8.45 22.77
CA GLU A 348 -6.37 9.55 22.66
C GLU A 348 -6.88 10.62 21.72
N VAL A 349 -7.52 10.22 20.62
CA VAL A 349 -8.05 11.19 19.67
C VAL A 349 -9.13 12.05 20.31
N HIS A 350 -10.05 11.42 21.04
CA HIS A 350 -11.10 12.17 21.71
C HIS A 350 -10.52 13.08 22.78
N ARG A 351 -9.54 12.60 23.54
CA ARG A 351 -8.92 13.44 24.56
C ARG A 351 -8.24 14.65 23.94
N LEU A 352 -7.57 14.45 22.81
CA LEU A 352 -6.81 15.54 22.19
C LEU A 352 -7.74 16.56 21.53
N TYR A 353 -8.75 16.09 20.78
CA TYR A 353 -9.53 16.99 19.95
C TYR A 353 -10.74 17.58 20.66
N VAL A 354 -11.45 16.79 21.47
CA VAL A 354 -12.65 17.24 22.15
C VAL A 354 -12.45 17.34 23.66
N GLY A 355 -11.75 16.38 24.24
CA GLY A 355 -11.48 16.40 25.66
C GLY A 355 -12.68 15.93 26.49
N GLY A 356 -12.55 16.12 27.80
CA GLY A 356 -13.55 15.68 28.72
C GLY A 356 -13.13 14.42 29.47
N PRO A 357 -14.11 13.68 29.98
CA PRO A 357 -13.79 12.45 30.71
C PRO A 357 -13.14 11.41 29.80
N PRO A 358 -12.18 10.65 30.30
CA PRO A 358 -11.60 9.58 29.49
C PRO A 358 -12.61 8.47 29.25
N LEU A 359 -12.43 7.78 28.11
CA LEU A 359 -13.32 6.71 27.71
C LEU A 359 -12.96 5.43 28.47
N GLU A 360 -13.96 4.86 29.16
CA GLU A 360 -13.81 3.61 29.90
C GLU A 360 -13.17 2.52 29.05
N LYS A 361 -12.51 1.55 29.68
CA LYS A 361 -11.79 0.51 28.95
C LYS A 361 -12.39 -0.87 29.08
N GLU A 362 -13.28 -1.12 30.04
CA GLU A 362 -13.92 -2.42 30.26
C GLU A 362 -12.88 -3.52 30.35
N PRO A 363 -12.15 -3.62 31.47
CA PRO A 363 -11.08 -4.63 31.58
C PRO A 363 -11.57 -6.07 31.44
N ARG A 364 -12.89 -6.30 31.41
CA ARG A 364 -13.39 -7.66 31.21
C ARG A 364 -12.98 -8.21 29.85
N GLU A 365 -13.11 -7.40 28.80
CA GLU A 365 -12.78 -7.80 27.42
C GLU A 365 -13.47 -9.11 27.06
N LEU A 366 -14.80 -9.10 27.17
CA LEU A 366 -15.59 -10.30 26.91
C LEU A 366 -15.46 -10.74 25.46
N PHE A 367 -15.50 -9.80 24.52
CA PHE A 367 -15.47 -10.14 23.10
C PHE A 367 -14.15 -10.79 22.71
N VAL A 368 -13.04 -10.24 23.19
CA VAL A 368 -11.74 -10.85 22.90
C VAL A 368 -11.60 -12.19 23.62
N LYS A 369 -11.97 -12.23 24.90
CA LYS A 369 -11.83 -13.43 25.73
C LYS A 369 -13.16 -13.67 26.44
N GLY A 370 -13.97 -14.54 25.88
CA GLY A 370 -15.26 -14.86 26.48
C GLY A 370 -16.02 -15.81 25.59
N THR A 371 -17.24 -16.12 26.02
CA THR A 371 -18.12 -17.02 25.29
C THR A 371 -19.39 -16.28 24.87
N MET A 372 -20.27 -17.00 24.17
CA MET A 372 -21.53 -16.40 23.74
C MET A 372 -22.46 -16.15 24.92
N LYS A 373 -22.44 -17.04 25.92
CA LYS A 373 -23.31 -16.87 27.07
C LYS A 373 -22.93 -15.65 27.89
N ASP A 374 -21.63 -15.35 28.00
CA ASP A 374 -21.21 -14.14 28.71
C ASP A 374 -21.83 -12.90 28.07
N ILE A 375 -21.86 -12.85 26.74
CA ILE A 375 -22.52 -11.76 26.03
C ILE A 375 -24.03 -11.82 26.24
N ARG A 376 -24.59 -13.03 26.28
CA ARG A 376 -26.02 -13.19 26.53
C ARG A 376 -26.42 -12.59 27.86
N GLU A 377 -25.54 -12.64 28.86
CA GLU A 377 -25.83 -12.09 30.18
C GLU A 377 -25.40 -10.64 30.35
N ASN A 378 -24.40 -10.19 29.59
CA ASN A 378 -23.84 -8.84 29.73
C ASN A 378 -24.23 -7.96 28.54
N PHE A 379 -25.47 -8.09 28.10
CA PHE A 379 -25.94 -7.33 26.94
C PHE A 379 -25.87 -5.83 27.17
N GLN A 380 -26.36 -5.38 28.34
CA GLN A 380 -26.51 -3.96 28.58
C GLN A 380 -25.16 -3.25 28.69
N ASP A 381 -24.19 -3.87 29.38
CA ASP A 381 -22.88 -3.24 29.52
C ASP A 381 -22.20 -3.05 28.17
N LEU A 382 -22.22 -4.09 27.33
CA LEU A 382 -21.59 -3.99 26.02
C LEU A 382 -22.30 -2.97 25.15
N MET A 383 -23.63 -2.94 25.20
CA MET A 383 -24.36 -1.93 24.44
C MET A 383 -24.04 -0.52 24.92
N GLN A 384 -23.92 -0.34 26.24
CA GLN A 384 -23.54 0.97 26.76
C GLN A 384 -22.15 1.38 26.29
N TYR A 385 -21.21 0.45 26.31
CA TYR A 385 -19.85 0.77 25.87
C TYR A 385 -19.83 1.14 24.39
N CYS A 386 -20.55 0.38 23.56
CA CYS A 386 -20.57 0.67 22.13
C CYS A 386 -21.25 2.01 21.85
N ALA A 387 -22.35 2.31 22.55
CA ALA A 387 -23.01 3.59 22.37
C ALA A 387 -22.11 4.74 22.81
N GLN A 388 -21.37 4.57 23.90
CA GLN A 388 -20.42 5.57 24.34
C GLN A 388 -19.36 5.82 23.27
N ASP A 389 -18.84 4.74 22.68
CA ASP A 389 -17.84 4.90 21.63
C ASP A 389 -18.41 5.63 20.42
N VAL A 390 -19.65 5.32 20.05
CA VAL A 390 -20.27 5.99 18.91
C VAL A 390 -20.45 7.48 19.17
N TRP A 391 -20.92 7.84 20.38
CA TRP A 391 -21.04 9.25 20.71
C TRP A 391 -19.68 9.94 20.69
N ALA A 392 -18.65 9.27 21.24
CA ALA A 392 -17.32 9.86 21.25
C ALA A 392 -16.82 10.11 19.84
N THR A 393 -17.04 9.14 18.94
CA THR A 393 -16.63 9.33 17.55
C THR A 393 -17.40 10.47 16.89
N HIS A 394 -18.68 10.62 17.22
CA HIS A 394 -19.45 11.73 16.67
C HIS A 394 -18.86 13.07 17.10
N GLU A 395 -18.55 13.20 18.39
CA GLU A 395 -17.93 14.43 18.87
C GLU A 395 -16.59 14.68 18.20
N VAL A 396 -15.78 13.63 18.06
CA VAL A 396 -14.46 13.78 17.46
C VAL A 396 -14.56 14.24 16.02
N PHE A 397 -15.49 13.65 15.26
CA PHE A 397 -15.66 14.04 13.87
C PHE A 397 -16.14 15.49 13.75
N GLN A 398 -17.12 15.87 14.57
CA GLN A 398 -17.61 17.24 14.48
C GLN A 398 -16.57 18.25 14.96
N GLN A 399 -15.58 17.81 15.72
CA GLN A 399 -14.48 18.69 16.09
C GLN A 399 -13.34 18.69 15.06
N GLN A 400 -13.20 17.61 14.29
CA GLN A 400 -12.09 17.48 13.36
C GLN A 400 -12.37 18.02 11.96
N LEU A 401 -13.62 18.00 11.51
CA LEU A 401 -13.88 18.36 10.11
C LEU A 401 -13.39 19.76 9.74
N PRO A 402 -13.70 20.83 10.48
CA PRO A 402 -13.23 22.15 10.06
C PRO A 402 -11.72 22.26 9.95
N LEU A 403 -10.97 21.62 10.85
CA LEU A 403 -9.52 21.66 10.75
C LEU A 403 -9.04 21.03 9.44
N PHE A 404 -9.62 19.91 9.06
CA PHE A 404 -9.24 19.26 7.81
C PHE A 404 -9.59 20.14 6.62
N LEU A 405 -10.78 20.76 6.65
CA LEU A 405 -11.17 21.60 5.52
C LEU A 405 -10.27 22.82 5.39
N GLU A 406 -9.83 23.38 6.52
CA GLU A 406 -8.96 24.55 6.47
C GLU A 406 -7.54 24.18 6.06
N ARG A 407 -7.01 23.09 6.62
CA ARG A 407 -5.58 22.79 6.48
C ARG A 407 -5.24 22.24 5.11
N CYS A 408 -6.16 21.52 4.48
CA CYS A 408 -5.92 20.95 3.16
C CYS A 408 -6.99 21.54 2.24
N PRO A 409 -6.81 22.78 1.80
CA PRO A 409 -7.84 23.44 1.00
C PRO A 409 -8.04 22.84 -0.37
N HIS A 410 -7.07 22.09 -0.89
CA HIS A 410 -7.27 21.45 -2.17
C HIS A 410 -8.19 20.26 -2.00
N PRO A 411 -9.35 20.23 -2.68
CA PRO A 411 -10.29 19.13 -2.47
C PRO A 411 -9.74 17.77 -2.88
N VAL A 412 -8.64 17.74 -3.65
CA VAL A 412 -8.12 16.49 -4.16
C VAL A 412 -7.76 15.55 -3.02
N THR A 413 -7.22 16.10 -1.93
CA THR A 413 -6.89 15.25 -0.79
C THR A 413 -8.14 14.53 -0.27
N LEU A 414 -9.23 15.26 -0.09
CA LEU A 414 -10.45 14.64 0.42
C LEU A 414 -11.03 13.64 -0.57
N ALA A 415 -11.09 14.00 -1.84
CA ALA A 415 -11.65 13.09 -2.83
C ALA A 415 -10.86 11.80 -2.90
N GLY A 416 -9.53 11.90 -2.92
CA GLY A 416 -8.70 10.71 -2.97
C GLY A 416 -8.80 9.89 -1.71
N MET A 417 -8.88 10.53 -0.54
CA MET A 417 -9.02 9.78 0.70
C MET A 417 -10.34 9.04 0.75
N LEU A 418 -11.41 9.65 0.28
CA LEU A 418 -12.70 8.97 0.23
C LEU A 418 -12.68 7.81 -0.77
N GLU A 419 -12.04 8.01 -1.92
CA GLU A 419 -11.99 6.98 -2.95
C GLU A 419 -11.05 5.83 -2.61
N MET A 420 -10.06 6.04 -1.75
CA MET A 420 -9.10 5.01 -1.40
C MET A 420 -9.57 4.10 -0.27
N GLY A 421 -10.88 4.01 -0.02
CA GLY A 421 -11.38 3.13 1.01
C GLY A 421 -12.43 2.16 0.50
N VAL A 422 -12.30 1.76 -0.77
CA VAL A 422 -13.23 0.81 -1.37
C VAL A 422 -12.47 -0.40 -1.90
N SER A 423 -11.38 -0.77 -1.24
CA SER A 423 -10.60 -1.92 -1.67
C SER A 423 -11.45 -3.18 -1.67
N TYR A 424 -11.16 -4.07 -2.62
CA TYR A 424 -12.00 -5.25 -2.85
C TYR A 424 -11.13 -6.33 -3.49
N LEU A 425 -11.16 -7.53 -2.92
CA LEU A 425 -10.40 -8.66 -3.45
C LEU A 425 -11.33 -9.84 -3.71
N PRO A 426 -11.50 -10.27 -4.96
CA PRO A 426 -12.36 -11.43 -5.23
C PRO A 426 -11.58 -12.73 -5.22
N VAL A 427 -12.17 -13.74 -4.58
CA VAL A 427 -11.57 -15.07 -4.54
C VAL A 427 -12.66 -16.08 -4.92
N ASN A 428 -12.41 -16.86 -5.97
CA ASN A 428 -13.37 -17.86 -6.42
C ASN A 428 -13.05 -19.20 -5.76
N GLN A 429 -13.65 -20.27 -6.27
CA GLN A 429 -13.50 -21.59 -5.67
C GLN A 429 -12.05 -22.05 -5.63
N ASN A 430 -11.19 -21.50 -6.48
CA ASN A 430 -9.78 -21.88 -6.45
C ASN A 430 -9.11 -21.46 -5.15
N TRP A 431 -9.59 -20.40 -4.50
CA TRP A 431 -9.07 -20.05 -3.19
C TRP A 431 -9.31 -21.16 -2.18
N GLU A 432 -10.49 -21.78 -2.23
CA GLU A 432 -10.79 -22.87 -1.31
C GLU A 432 -9.80 -24.02 -1.51
N ARG A 433 -9.50 -24.34 -2.77
CA ARG A 433 -8.47 -25.35 -3.03
C ARG A 433 -7.09 -24.83 -2.64
N TYR A 434 -6.87 -23.52 -2.76
CA TYR A 434 -5.58 -22.94 -2.42
C TYR A 434 -5.25 -23.13 -0.95
N LEU A 435 -6.23 -22.91 -0.06
CA LEU A 435 -5.97 -23.05 1.36
C LEU A 435 -5.52 -24.46 1.70
N ALA A 436 -6.20 -25.47 1.15
CA ALA A 436 -5.81 -26.85 1.40
C ALA A 436 -4.47 -27.16 0.74
N GLU A 437 -4.31 -26.81 -0.54
CA GLU A 437 -3.07 -27.12 -1.24
C GLU A 437 -1.89 -26.38 -0.63
N ALA A 438 -2.08 -25.12 -0.26
CA ALA A 438 -1.02 -24.40 0.45
C ALA A 438 -0.74 -25.04 1.80
N GLN A 439 -1.80 -25.37 2.56
CA GLN A 439 -1.59 -25.99 3.86
C GLN A 439 -1.13 -27.43 3.72
N GLY A 440 -1.71 -28.18 2.77
CA GLY A 440 -1.23 -29.53 2.53
C GLY A 440 0.24 -29.55 2.17
N THR A 441 0.66 -28.67 1.26
CA THR A 441 2.09 -28.50 1.01
C THR A 441 2.80 -28.00 2.25
N TYR A 442 2.18 -27.08 2.99
CA TYR A 442 2.76 -26.60 4.23
C TYR A 442 2.94 -27.75 5.22
N GLU A 443 1.96 -28.65 5.29
CA GLU A 443 2.09 -29.82 6.15
C GLU A 443 3.12 -30.81 5.61
N GLU A 444 3.03 -31.13 4.31
CA GLU A 444 3.92 -32.14 3.75
C GLU A 444 5.38 -31.69 3.78
N LEU A 445 5.64 -30.44 3.38
CA LEU A 445 7.01 -29.95 3.39
C LEU A 445 7.56 -29.84 4.81
N GLN A 446 6.72 -29.40 5.76
CA GLN A 446 7.18 -29.26 7.13
C GLN A 446 7.57 -30.61 7.71
N ARG A 447 6.78 -31.65 7.44
CA ARG A 447 7.15 -32.99 7.88
C ARG A 447 8.40 -33.47 7.15
N GLU A 448 8.53 -33.10 5.87
CA GLU A 448 9.74 -33.41 5.14
C GLU A 448 10.97 -32.74 5.77
N MET A 449 10.81 -31.49 6.20
CA MET A 449 11.89 -30.78 6.86
C MET A 449 12.27 -31.44 8.18
N LYS A 450 11.28 -31.94 8.92
CA LYS A 450 11.55 -32.55 10.23
C LYS A 450 12.45 -33.76 10.11
N LYS A 451 12.37 -34.51 9.01
CA LYS A 451 13.23 -35.65 8.80
C LYS A 451 14.64 -35.25 8.42
N SER A 452 14.78 -34.11 7.73
CA SER A 452 16.09 -33.64 7.33
C SER A 452 16.95 -33.31 8.55
N LEU A 453 16.38 -32.61 9.52
CA LEU A 453 17.15 -32.23 10.70
C LEU A 453 17.49 -33.43 11.56
N MET A 454 16.65 -34.48 11.50
CA MET A 454 16.96 -35.71 12.23
C MET A 454 18.26 -36.34 11.72
N ASP A 455 18.42 -36.40 10.40
CA ASP A 455 19.65 -36.91 9.83
C ASP A 455 20.83 -36.01 10.16
N LEU A 456 20.62 -34.68 10.11
CA LEU A 456 21.68 -33.75 10.46
C LEU A 456 22.08 -33.90 11.93
N ALA A 457 21.09 -34.06 12.81
CA ALA A 457 21.39 -34.23 14.23
C ALA A 457 22.17 -35.51 14.49
N ASN A 458 21.80 -36.60 13.80
CA ASN A 458 22.50 -37.86 13.99
C ASN A 458 23.97 -37.76 13.56
N ASP A 459 24.23 -37.09 12.44
CA ASP A 459 25.61 -36.93 11.99
C ASP A 459 26.37 -35.92 12.84
N ALA A 460 25.66 -35.00 13.50
CA ALA A 460 26.30 -34.00 14.35
C ALA A 460 26.91 -34.64 15.58
N HIS A 559 21.71 -38.63 25.65
CA HIS A 559 21.38 -37.72 24.56
C HIS A 559 21.75 -36.28 24.90
N PRO A 560 22.14 -35.51 23.89
CA PRO A 560 22.48 -34.10 24.13
C PRO A 560 21.26 -33.32 24.61
N GLY A 561 21.54 -32.25 25.36
CA GLY A 561 20.45 -31.46 25.92
C GLY A 561 19.56 -30.84 24.86
N TRP A 562 20.16 -30.36 23.77
CA TRP A 562 19.36 -29.75 22.70
C TRP A 562 18.46 -30.77 22.02
N TYR A 563 18.95 -32.00 21.82
CA TYR A 563 18.15 -33.02 21.16
C TYR A 563 17.00 -33.49 22.06
N ARG A 564 17.20 -33.47 23.37
CA ARG A 564 16.17 -33.93 24.29
C ARG A 564 14.92 -33.07 24.20
N LYS A 565 15.10 -31.75 24.08
CA LYS A 565 13.95 -30.85 24.00
C LYS A 565 13.16 -31.00 22.72
N LEU A 566 13.76 -31.62 21.69
CA LEU A 566 13.10 -31.79 20.40
C LEU A 566 12.26 -33.06 20.33
N CYS A 567 12.27 -33.88 21.38
CA CYS A 567 11.56 -35.14 21.38
C CYS A 567 10.34 -35.07 22.27
N PRO A 568 9.17 -35.51 21.80
CA PRO A 568 7.98 -35.50 22.66
C PRO A 568 8.08 -36.53 23.78
N ARG A 569 7.32 -36.28 24.83
CA ARG A 569 7.33 -37.14 26.00
C ARG A 569 6.77 -38.52 25.67
N LEU A 570 7.26 -39.53 26.41
CA LEU A 570 6.81 -40.89 26.17
C LEU A 570 5.33 -41.07 26.49
N ASP A 571 4.86 -40.45 27.57
CA ASP A 571 3.47 -40.55 27.97
C ASP A 571 2.53 -39.72 27.11
N ASP A 572 3.06 -38.89 26.22
CA ASP A 572 2.23 -38.10 25.34
C ASP A 572 1.44 -39.01 24.41
N PRO A 573 0.11 -38.91 24.35
CA PRO A 573 -0.64 -39.74 23.40
C PRO A 573 -0.23 -39.51 21.95
N ALA A 574 0.16 -38.28 21.60
CA ALA A 574 0.61 -37.95 20.26
C ALA A 574 2.08 -38.27 20.04
N TRP A 575 2.66 -39.14 20.87
CA TRP A 575 4.07 -39.47 20.73
C TRP A 575 4.33 -40.21 19.42
N THR A 576 5.38 -39.80 18.74
CA THR A 576 5.88 -40.47 17.55
C THR A 576 7.38 -40.59 17.66
N PRO A 577 7.99 -41.54 16.95
CA PRO A 577 9.44 -41.74 17.11
C PRO A 577 10.27 -40.57 16.62
N GLY A 578 11.09 -40.05 17.55
CA GLY A 578 12.18 -39.14 17.27
C GLY A 578 11.75 -37.70 17.34
N PRO A 579 12.45 -36.85 16.57
CA PRO A 579 12.19 -35.40 16.67
C PRO A 579 10.99 -34.93 15.87
N SER A 580 9.78 -35.23 16.37
CA SER A 580 8.52 -34.86 15.71
C SER A 580 8.00 -33.49 16.16
N LEU A 581 8.72 -32.79 17.03
CA LEU A 581 8.36 -31.45 17.46
C LEU A 581 9.09 -30.35 16.69
N LEU A 582 9.86 -30.68 15.67
CA LEU A 582 10.61 -29.64 14.97
C LEU A 582 9.73 -28.82 14.03
N SER A 583 10.04 -27.54 13.92
CA SER A 583 9.44 -26.63 12.95
C SER A 583 10.42 -25.49 12.68
N LEU A 584 10.23 -24.83 11.54
CA LEU A 584 11.17 -23.78 11.16
C LEU A 584 11.02 -22.52 12.01
N GLN A 585 9.87 -22.34 12.67
CA GLN A 585 9.67 -21.20 13.53
C GLN A 585 10.50 -21.25 14.81
N MET A 586 11.09 -22.39 15.13
CA MET A 586 11.89 -22.51 16.35
C MET A 586 13.25 -21.85 16.16
N ARG A 587 13.81 -21.35 17.27
CA ARG A 587 15.08 -20.64 17.25
C ARG A 587 16.28 -21.57 17.22
N VAL A 588 16.08 -22.88 17.37
CA VAL A 588 17.20 -23.82 17.37
C VAL A 588 17.51 -24.34 15.97
N THR A 589 16.63 -24.12 15.00
CA THR A 589 16.86 -24.64 13.65
C THR A 589 18.14 -24.13 13.00
N PRO A 590 18.45 -22.83 12.98
CA PRO A 590 19.69 -22.40 12.33
C PRO A 590 20.95 -22.94 12.99
N LYS A 591 20.94 -23.10 14.31
CA LYS A 591 22.15 -23.55 14.99
C LYS A 591 22.50 -25.00 14.66
N LEU A 592 21.49 -25.81 14.37
CA LEU A 592 21.72 -27.22 14.04
C LEU A 592 22.14 -27.38 12.58
N MET A 593 22.50 -26.28 11.92
CA MET A 593 22.83 -26.35 10.51
C MET A 593 24.19 -25.76 10.19
N ALA A 594 24.75 -24.96 11.11
CA ALA A 594 26.05 -24.33 10.90
C ALA A 594 26.03 -23.47 9.64
N LEU A 595 25.24 -22.41 9.66
CA LEU A 595 25.03 -21.54 8.52
C LEU A 595 26.12 -20.48 8.47
N THR A 596 26.52 -20.09 7.26
CA THR A 596 27.55 -19.09 7.03
C THR A 596 26.97 -17.91 6.28
N TRP A 597 27.37 -16.70 6.68
CA TRP A 597 26.97 -15.46 6.03
C TRP A 597 28.10 -15.02 5.11
N ASP A 598 28.02 -15.42 3.84
CA ASP A 598 29.10 -15.22 2.88
C ASP A 598 30.41 -15.80 3.40
N GLY A 599 30.37 -17.06 3.82
CA GLY A 599 31.56 -17.70 4.35
C GLY A 599 31.92 -17.31 5.76
N PHE A 600 31.02 -16.60 6.46
CA PHE A 600 31.25 -16.17 7.83
C PHE A 600 30.17 -16.77 8.72
N PRO A 601 30.54 -17.55 9.73
CA PRO A 601 29.53 -18.20 10.57
C PRO A 601 28.66 -17.20 11.32
N LEU A 602 27.39 -17.55 11.45
CA LEU A 602 26.42 -16.69 12.12
C LEU A 602 26.61 -16.76 13.63
N HIS A 603 26.09 -15.73 14.32
CA HIS A 603 26.17 -15.66 15.77
C HIS A 603 25.06 -14.76 16.26
N TYR A 604 24.37 -15.19 17.32
CA TYR A 604 23.27 -14.44 17.91
C TYR A 604 23.72 -13.74 19.18
N SER A 605 23.25 -12.52 19.37
CA SER A 605 23.56 -11.74 20.56
C SER A 605 22.28 -11.25 21.20
N GLU A 606 22.26 -11.24 22.53
CA GLU A 606 21.08 -10.76 23.26
C GLU A 606 20.91 -9.26 23.05
N ARG A 607 22.00 -8.51 23.04
CA ARG A 607 21.95 -7.06 22.89
C ARG A 607 21.92 -6.61 21.44
N HIS A 608 22.12 -7.51 20.48
CA HIS A 608 22.21 -7.12 19.08
C HIS A 608 21.42 -8.02 18.13
N GLY A 609 20.70 -9.02 18.64
CA GLY A 609 20.01 -9.91 17.74
C GLY A 609 20.97 -10.81 16.98
N TRP A 610 20.54 -11.21 15.78
CA TRP A 610 21.35 -12.10 14.96
C TRP A 610 22.46 -11.34 14.25
N GLY A 611 23.63 -11.98 14.15
CA GLY A 611 24.76 -11.42 13.44
C GLY A 611 25.64 -12.50 12.85
N TYR A 612 26.89 -12.18 12.55
CA TYR A 612 27.82 -13.15 12.00
C TYR A 612 29.23 -12.87 12.48
N LEU A 613 30.05 -13.90 12.47
CA LEU A 613 31.44 -13.82 12.92
C LEU A 613 32.36 -13.91 11.71
N VAL A 614 33.29 -12.94 11.62
CA VAL A 614 34.27 -12.91 10.53
C VAL A 614 35.61 -13.36 11.11
N PRO A 615 36.11 -14.53 10.74
CA PRO A 615 37.40 -14.97 11.27
C PRO A 615 38.55 -14.13 10.74
N GLY A 616 39.62 -14.05 11.54
CA GLY A 616 40.78 -13.29 11.17
C GLY A 616 41.17 -12.26 12.21
N ARG A 617 40.48 -12.29 13.35
CA ARG A 617 40.77 -11.35 14.43
C ARG A 617 41.80 -11.93 15.40
N HIS A 723 38.40 -7.10 9.45
CA HIS A 723 37.36 -6.78 8.48
C HIS A 723 36.39 -5.74 9.04
N HIS A 724 35.95 -4.84 8.16
CA HIS A 724 35.00 -3.79 8.52
C HIS A 724 33.64 -4.10 7.90
N GLY A 725 32.58 -3.90 8.67
CA GLY A 725 31.26 -4.20 8.20
C GLY A 725 30.22 -3.58 9.09
N ASN A 726 29.08 -4.25 9.23
CA ASN A 726 28.01 -3.80 10.11
C ASN A 726 28.44 -4.07 11.54
N GLY A 727 29.38 -3.25 12.01
CA GLY A 727 30.00 -3.43 13.31
C GLY A 727 31.40 -2.85 13.31
N PRO A 728 32.32 -3.52 14.01
CA PRO A 728 32.13 -4.73 14.81
C PRO A 728 31.59 -4.42 16.20
N TYR A 729 30.93 -5.37 16.85
CA TYR A 729 30.40 -5.18 18.18
C TYR A 729 31.30 -5.89 19.18
N ASN A 730 31.81 -5.14 20.16
CA ASN A 730 32.73 -5.69 21.15
C ASN A 730 32.02 -6.24 22.38
N ASP A 731 30.69 -6.12 22.45
CA ASP A 731 29.96 -6.71 23.57
C ASP A 731 29.99 -8.23 23.53
N VAL A 732 30.25 -8.82 22.36
CA VAL A 732 30.38 -10.26 22.20
C VAL A 732 31.85 -10.56 21.99
N ASP A 733 32.43 -11.35 22.88
CA ASP A 733 33.87 -11.64 22.87
C ASP A 733 34.07 -13.04 22.32
N ILE A 734 34.22 -13.14 21.00
CA ILE A 734 34.55 -14.38 20.32
C ILE A 734 36.05 -14.37 20.01
N PRO A 735 36.83 -15.29 20.55
CA PRO A 735 38.29 -15.26 20.32
C PRO A 735 38.62 -15.49 18.85
N GLY A 736 39.31 -14.53 18.25
CA GLY A 736 39.76 -14.65 16.88
C GLY A 736 38.75 -14.30 15.81
N CYS A 737 37.57 -13.83 16.19
CA CYS A 737 36.53 -13.48 15.23
C CYS A 737 35.82 -12.21 15.69
N TRP A 738 35.59 -11.29 14.76
CA TRP A 738 34.77 -10.12 15.03
C TRP A 738 33.30 -10.51 15.04
N PHE A 739 32.47 -9.60 15.58
CA PHE A 739 31.02 -9.79 15.61
C PHE A 739 30.35 -8.65 14.88
N PHE A 740 29.49 -8.99 13.92
CA PHE A 740 28.74 -8.01 13.14
C PHE A 740 27.25 -8.29 13.30
N LYS A 741 26.43 -7.58 12.51
CA LYS A 741 24.99 -7.64 12.65
C LYS A 741 24.35 -7.97 11.30
N LEU A 742 23.28 -8.76 11.36
CA LEU A 742 22.53 -9.04 10.14
C LEU A 742 21.72 -7.81 9.74
N PRO A 743 21.56 -7.56 8.43
CA PRO A 743 20.79 -6.39 8.00
C PRO A 743 19.32 -6.51 8.38
N HIS A 744 18.71 -5.35 8.65
CA HIS A 744 17.31 -5.25 8.98
C HIS A 744 16.66 -4.17 8.13
N LYS A 745 15.36 -4.36 7.85
CA LYS A 745 14.66 -3.42 6.98
C LYS A 745 14.50 -2.04 7.60
N ASP A 746 14.64 -1.92 8.91
CA ASP A 746 14.45 -0.66 9.62
C ASP A 746 15.76 -0.01 10.05
N GLY A 747 16.89 -0.51 9.57
CA GLY A 747 18.18 0.09 9.87
C GLY A 747 18.99 -0.78 10.82
N ASN A 748 20.18 -0.28 11.15
CA ASN A 748 21.09 -0.97 12.06
C ASN A 748 20.80 -0.69 13.52
N SER A 749 19.85 0.18 13.83
CA SER A 749 19.47 0.47 15.21
C SER A 749 18.41 -0.49 15.74
N CYS A 750 17.90 -1.39 14.90
CA CYS A 750 16.92 -2.38 15.29
C CYS A 750 17.55 -3.77 15.22
N ASN A 751 16.98 -4.69 16.00
CA ASN A 751 17.51 -6.04 16.13
C ASN A 751 16.60 -7.04 15.43
N VAL A 752 17.21 -8.07 14.87
CA VAL A 752 16.48 -9.13 14.19
C VAL A 752 16.12 -10.20 15.21
N GLY A 753 14.83 -10.46 15.38
CA GLY A 753 14.37 -11.45 16.33
C GLY A 753 14.39 -12.86 15.78
N SER A 754 14.42 -12.98 14.45
CA SER A 754 14.41 -14.29 13.80
C SER A 754 14.96 -14.19 12.38
N PRO A 755 15.86 -15.08 11.98
CA PRO A 755 16.34 -15.09 10.60
C PRO A 755 15.31 -15.56 9.59
N PHE A 756 14.11 -15.93 10.04
CA PHE A 756 13.06 -16.44 9.16
C PHE A 756 12.09 -15.31 8.81
N ALA A 757 12.59 -14.39 7.97
CA ALA A 757 11.85 -13.20 7.58
C ALA A 757 11.95 -12.99 6.08
N LYS A 758 11.12 -12.06 5.59
CA LYS A 758 11.12 -11.74 4.16
C LYS A 758 12.36 -10.96 3.74
N ASP A 759 12.93 -10.16 4.65
CA ASP A 759 14.01 -9.25 4.28
C ASP A 759 15.26 -9.98 3.80
N PHE A 760 15.45 -11.24 4.20
CA PHE A 760 16.65 -11.98 3.85
C PHE A 760 16.49 -12.78 2.56
N LEU A 761 15.37 -12.65 1.87
CA LEU A 761 15.21 -13.30 0.57
C LEU A 761 16.30 -12.89 -0.43
N PRO A 762 16.61 -11.61 -0.62
CA PRO A 762 17.71 -11.27 -1.54
C PRO A 762 19.06 -11.81 -1.09
N LYS A 763 19.27 -11.95 0.22
CA LYS A 763 20.55 -12.42 0.73
C LYS A 763 20.82 -13.88 0.41
N MET A 764 19.84 -14.62 -0.08
CA MET A 764 20.06 -16.01 -0.44
C MET A 764 20.21 -16.21 -1.94
N GLU A 765 19.60 -15.35 -2.76
CA GLU A 765 19.74 -15.49 -4.21
C GLU A 765 21.17 -15.17 -4.66
N ASP A 766 21.85 -14.26 -3.97
CA ASP A 766 23.20 -13.87 -4.32
C ASP A 766 24.27 -14.71 -3.63
N GLY A 767 23.87 -15.69 -2.82
CA GLY A 767 24.81 -16.53 -2.13
C GLY A 767 25.34 -15.97 -0.83
N THR A 768 24.83 -14.82 -0.37
CA THR A 768 25.28 -14.28 0.90
C THR A 768 24.94 -15.21 2.06
N LEU A 769 23.72 -15.78 2.05
CA LEU A 769 23.27 -16.71 3.06
C LEU A 769 23.36 -18.12 2.50
N GLN A 770 24.23 -18.94 3.08
CA GLN A 770 24.47 -20.30 2.59
C GLN A 770 24.29 -21.28 3.73
N ALA A 771 23.84 -22.49 3.39
CA ALA A 771 23.61 -23.54 4.36
C ALA A 771 24.80 -24.51 4.39
N GLY A 772 24.67 -25.56 5.18
CA GLY A 772 25.72 -26.57 5.29
C GLY A 772 25.25 -27.96 4.95
N SER A 777 21.21 -32.56 3.87
CA SER A 777 20.05 -31.75 3.48
C SER A 777 20.17 -30.34 4.04
N GLY A 778 21.36 -29.75 3.91
CA GLY A 778 21.62 -28.42 4.39
C GLY A 778 20.90 -27.36 3.59
N PRO A 779 21.26 -27.20 2.31
CA PRO A 779 20.59 -26.18 1.49
C PRO A 779 19.10 -26.39 1.35
N ARG A 780 18.61 -27.62 1.52
CA ARG A 780 17.17 -27.86 1.43
C ARG A 780 16.42 -27.15 2.55
N ALA A 781 16.96 -27.19 3.78
CA ALA A 781 16.27 -26.59 4.92
C ALA A 781 16.16 -25.07 4.79
N LEU A 782 17.22 -24.42 4.30
CA LEU A 782 17.15 -22.98 4.10
C LEU A 782 16.28 -22.64 2.89
N GLU A 783 16.35 -23.44 1.83
CA GLU A 783 15.50 -23.21 0.67
C GLU A 783 14.02 -23.36 1.03
N ILE A 784 13.69 -24.39 1.79
CA ILE A 784 12.29 -24.59 2.17
C ILE A 784 11.82 -23.48 3.10
N ASN A 785 12.72 -22.94 3.93
CA ASN A 785 12.39 -21.75 4.70
C ASN A 785 12.06 -20.59 3.77
N LYS A 786 12.87 -20.40 2.74
CA LYS A 786 12.54 -19.42 1.71
C LYS A 786 11.21 -19.73 1.06
N MET A 787 10.87 -21.01 0.93
CA MET A 787 9.58 -21.38 0.37
C MET A 787 8.44 -20.96 1.29
N ILE A 788 8.50 -21.33 2.56
CA ILE A 788 7.38 -21.12 3.47
C ILE A 788 7.57 -19.86 4.31
N SER A 789 8.48 -18.97 3.92
CA SER A 789 8.62 -17.71 4.64
C SER A 789 7.40 -16.83 4.48
N PHE A 790 6.81 -16.82 3.28
CA PHE A 790 5.64 -15.97 3.04
C PHE A 790 4.42 -16.50 3.79
N TRP A 791 4.16 -17.79 3.69
CA TRP A 791 2.98 -18.38 4.33
C TRP A 791 3.13 -18.47 5.84
N ARG A 792 4.36 -18.45 6.36
CA ARG A 792 4.55 -18.53 7.81
C ARG A 792 4.01 -17.28 8.50
N ASN A 793 4.36 -16.10 8.00
CA ASN A 793 4.06 -14.85 8.67
C ASN A 793 2.70 -14.29 8.35
N ALA A 794 1.96 -14.90 7.42
CA ALA A 794 0.68 -14.35 7.00
C ALA A 794 -0.46 -15.35 6.96
N HIS A 795 -0.22 -16.64 7.25
CA HIS A 795 -1.29 -17.62 7.14
C HIS A 795 -2.40 -17.39 8.13
N LYS A 796 -2.09 -16.84 9.31
CA LYS A 796 -3.12 -16.65 10.33
C LYS A 796 -4.20 -15.68 9.84
N ARG A 797 -3.78 -14.58 9.22
CA ARG A 797 -4.75 -13.62 8.71
C ARG A 797 -5.17 -13.91 7.28
N ILE A 798 -4.34 -14.62 6.50
CA ILE A 798 -4.77 -15.04 5.17
C ILE A 798 -5.87 -16.10 5.28
N SER A 799 -5.70 -17.06 6.17
CA SER A 799 -6.74 -18.06 6.40
C SER A 799 -7.96 -17.48 7.09
N SER A 800 -7.80 -16.37 7.81
CA SER A 800 -8.91 -15.73 8.52
C SER A 800 -9.39 -14.46 7.82
N GLN A 801 -9.05 -14.29 6.55
CA GLN A 801 -9.76 -13.31 5.74
C GLN A 801 -11.22 -13.73 5.64
N MET A 802 -12.12 -12.83 6.01
CA MET A 802 -13.53 -13.14 5.93
C MET A 802 -13.95 -13.23 4.48
N VAL A 803 -14.66 -14.30 4.14
CA VAL A 803 -15.08 -14.54 2.76
C VAL A 803 -16.60 -14.60 2.74
N VAL A 804 -17.21 -13.81 1.86
CA VAL A 804 -18.65 -13.77 1.69
C VAL A 804 -18.98 -14.22 0.26
N TRP A 805 -19.75 -15.30 0.16
CA TRP A 805 -20.03 -15.94 -1.11
C TRP A 805 -21.43 -15.55 -1.58
N LEU A 806 -21.52 -14.91 -2.73
CA LEU A 806 -22.78 -14.47 -3.26
C LEU A 806 -23.63 -15.64 -3.74
N PRO A 807 -24.95 -15.51 -3.67
CA PRO A 807 -25.84 -16.48 -4.31
C PRO A 807 -25.93 -16.19 -5.81
N ARG A 808 -26.63 -17.07 -6.52
CA ARG A 808 -26.78 -16.91 -7.96
C ARG A 808 -27.54 -15.63 -8.30
N SER A 809 -28.54 -15.27 -7.50
CA SER A 809 -29.31 -14.07 -7.77
C SER A 809 -28.49 -12.80 -7.61
N ALA A 810 -27.58 -12.76 -6.64
CA ALA A 810 -26.81 -11.56 -6.37
C ALA A 810 -25.67 -11.34 -7.37
N LEU A 811 -25.28 -12.37 -8.12
CA LEU A 811 -24.21 -12.21 -9.09
C LEU A 811 -24.67 -11.36 -10.27
N PRO A 812 -23.75 -10.63 -10.89
CA PRO A 812 -24.14 -9.81 -12.05
C PRO A 812 -24.58 -10.68 -13.22
N ARG A 813 -25.46 -10.13 -14.05
CA ARG A 813 -25.94 -10.85 -15.23
C ARG A 813 -24.83 -11.16 -16.22
N ALA A 814 -23.79 -10.32 -16.26
CA ALA A 814 -22.68 -10.58 -17.18
C ALA A 814 -21.92 -11.85 -16.80
N VAL A 815 -21.78 -12.11 -15.50
CA VAL A 815 -21.07 -13.30 -15.04
C VAL A 815 -21.80 -14.55 -15.48
N ILE A 816 -23.13 -14.57 -15.36
CA ILE A 816 -23.91 -15.76 -15.68
C ILE A 816 -23.81 -16.08 -17.17
N ARG A 817 -23.91 -15.07 -18.03
CA ARG A 817 -23.91 -15.28 -19.47
C ARG A 817 -22.54 -15.65 -20.03
N HIS A 818 -21.48 -15.54 -19.24
CA HIS A 818 -20.14 -15.82 -19.76
C HIS A 818 -19.96 -17.32 -19.97
N PRO A 819 -19.28 -17.73 -21.04
CA PRO A 819 -19.06 -19.16 -21.27
C PRO A 819 -18.30 -19.86 -20.16
N ASP A 820 -17.34 -19.18 -19.52
CA ASP A 820 -16.57 -19.81 -18.45
C ASP A 820 -17.33 -19.89 -17.15
N TYR A 821 -18.53 -19.32 -17.07
CA TYR A 821 -19.32 -19.37 -15.85
C TYR A 821 -19.59 -20.81 -15.47
N ASP A 822 -19.34 -21.13 -14.20
CA ASP A 822 -19.53 -22.47 -13.66
C ASP A 822 -20.70 -22.46 -12.68
N GLU A 823 -21.68 -23.32 -12.92
CA GLU A 823 -22.84 -23.39 -12.04
C GLU A 823 -22.48 -23.99 -10.68
N GLU A 824 -21.56 -24.96 -10.66
CA GLU A 824 -21.16 -25.61 -9.43
C GLU A 824 -19.97 -24.94 -8.76
N GLY A 825 -19.49 -23.83 -9.31
CA GLY A 825 -18.38 -23.12 -8.71
C GLY A 825 -18.81 -22.21 -7.58
N LEU A 826 -17.81 -21.70 -6.87
CA LEU A 826 -18.02 -20.80 -5.75
C LEU A 826 -17.39 -19.45 -6.05
N TYR A 827 -18.14 -18.38 -5.80
CA TYR A 827 -17.66 -17.02 -5.98
C TYR A 827 -17.67 -16.33 -4.63
N GLY A 828 -16.55 -15.73 -4.26
CA GLY A 828 -16.44 -15.07 -2.98
C GLY A 828 -15.74 -13.73 -3.07
N ALA A 829 -15.41 -13.14 -1.93
CA ALA A 829 -14.75 -11.85 -1.93
C ALA A 829 -14.04 -11.63 -0.61
N ILE A 830 -13.11 -10.67 -0.63
CA ILE A 830 -12.42 -10.20 0.56
C ILE A 830 -12.40 -8.69 0.51
N LEU A 831 -12.67 -8.05 1.66
CA LEU A 831 -12.59 -6.60 1.78
C LEU A 831 -11.36 -6.25 2.59
N PRO A 832 -10.30 -5.72 1.99
CA PRO A 832 -9.11 -5.37 2.77
C PRO A 832 -9.42 -4.29 3.79
N GLN A 833 -8.76 -4.39 4.94
CA GLN A 833 -8.91 -3.39 6.01
C GLN A 833 -7.84 -2.33 5.78
N VAL A 834 -8.16 -1.37 4.91
CA VAL A 834 -7.24 -0.32 4.49
C VAL A 834 -7.58 0.97 5.23
N VAL A 835 -6.57 1.59 5.82
CA VAL A 835 -6.69 2.95 6.33
C VAL A 835 -6.23 3.86 5.21
N THR A 836 -7.13 4.73 4.74
CA THR A 836 -6.86 5.49 3.53
C THR A 836 -5.63 6.39 3.68
N ALA A 837 -5.44 6.97 4.86
CA ALA A 837 -4.28 7.79 5.17
C ALA A 837 -3.70 7.29 6.50
N GLY A 838 -2.75 6.37 6.42
CA GLY A 838 -2.18 5.79 7.62
C GLY A 838 -0.76 6.23 7.94
N THR A 839 -0.31 7.31 7.31
CA THR A 839 1.01 7.84 7.56
C THR A 839 0.97 9.36 7.51
N ILE A 840 1.96 10.00 8.14
CA ILE A 840 2.01 11.45 8.19
C ILE A 840 2.06 12.05 6.79
N THR A 841 2.62 11.33 5.83
CA THR A 841 2.64 11.76 4.43
C THR A 841 1.37 11.35 3.69
N ARG A 842 0.32 10.96 4.42
CA ARG A 842 -0.95 10.54 3.82
C ARG A 842 -0.78 9.29 2.95
N ARG A 843 -0.13 8.27 3.52
CA ARG A 843 0.06 6.99 2.86
C ARG A 843 -0.88 5.96 3.46
N ALA A 844 -1.48 5.14 2.60
CA ALA A 844 -2.36 4.07 3.06
C ALA A 844 -1.55 2.92 3.63
N VAL A 845 -2.08 2.30 4.67
CA VAL A 845 -1.41 1.20 5.36
C VAL A 845 -2.33 -0.02 5.36
N GLU A 846 -1.80 -1.16 4.97
CA GLU A 846 -2.46 -2.45 5.07
C GLU A 846 -1.40 -3.48 5.41
N PRO A 847 -1.52 -4.17 6.56
CA PRO A 847 -0.42 -5.04 7.01
C PRO A 847 -0.10 -6.19 6.07
N THR A 848 -1.00 -6.58 5.18
CA THR A 848 -0.79 -7.79 4.39
C THR A 848 -0.73 -7.54 2.89
N TRP A 849 -1.74 -6.86 2.34
CA TRP A 849 -1.92 -6.86 0.89
C TRP A 849 -1.13 -5.76 0.20
N LEU A 850 -0.87 -4.65 0.87
CA LEU A 850 -0.05 -3.60 0.28
C LEU A 850 1.44 -3.90 0.39
N THR A 851 1.85 -4.88 1.20
CA THR A 851 3.24 -5.31 1.31
C THR A 851 3.26 -6.82 1.12
N ALA A 852 3.31 -7.26 -0.14
CA ALA A 852 3.28 -8.68 -0.44
C ALA A 852 3.88 -8.91 -1.82
N SER A 853 4.63 -9.99 -1.97
CA SER A 853 5.20 -10.33 -3.26
C SER A 853 4.10 -10.70 -4.25
N ASN A 854 4.37 -10.43 -5.53
CA ASN A 854 3.39 -10.70 -6.57
C ASN A 854 3.30 -12.19 -6.87
N ALA A 855 4.40 -12.80 -7.30
CA ALA A 855 4.48 -14.23 -7.55
C ALA A 855 5.94 -14.60 -7.69
N ARG A 856 6.32 -15.73 -7.12
CA ARG A 856 7.71 -16.17 -7.15
C ARG A 856 7.75 -17.67 -7.40
N PRO A 857 8.84 -18.17 -8.00
CA PRO A 857 8.92 -19.60 -8.31
C PRO A 857 9.40 -20.46 -7.15
N ASP A 858 9.79 -19.87 -6.02
CA ASP A 858 10.38 -20.65 -4.94
C ASP A 858 9.84 -20.23 -3.58
N ARG A 859 8.58 -19.83 -3.51
CA ARG A 859 7.95 -19.46 -2.25
C ARG A 859 6.60 -20.15 -2.12
N VAL A 860 6.38 -20.80 -0.98
CA VAL A 860 5.13 -21.51 -0.73
C VAL A 860 4.03 -20.50 -0.46
N GLY A 861 2.89 -20.69 -1.12
CA GLY A 861 1.79 -19.76 -0.94
C GLY A 861 2.05 -18.38 -1.48
N SER A 862 3.11 -18.20 -2.27
CA SER A 862 3.40 -16.92 -2.89
C SER A 862 2.39 -16.57 -3.97
N GLU A 863 1.53 -17.52 -4.32
CA GLU A 863 0.43 -17.28 -5.24
C GLU A 863 -0.74 -16.60 -4.56
N LEU A 864 -0.51 -15.96 -3.40
CA LEU A 864 -1.57 -15.24 -2.72
C LEU A 864 -2.13 -14.12 -3.59
N LYS A 865 -1.24 -13.28 -4.13
CA LYS A 865 -1.69 -12.32 -5.12
C LYS A 865 -2.24 -13.03 -6.35
N ALA A 866 -1.56 -14.09 -6.79
CA ALA A 866 -2.05 -14.90 -7.90
C ALA A 866 -3.31 -15.68 -7.55
N MET A 867 -3.69 -15.73 -6.28
CA MET A 867 -4.94 -16.34 -5.88
C MET A 867 -6.09 -15.34 -5.88
N VAL A 868 -5.81 -14.05 -6.07
CA VAL A 868 -6.87 -13.05 -6.18
C VAL A 868 -7.31 -13.12 -7.64
N GLN A 869 -8.25 -14.02 -7.90
CA GLN A 869 -8.59 -14.40 -9.26
C GLN A 869 -10.00 -13.91 -9.58
N ALA A 870 -10.13 -13.17 -10.67
CA ALA A 870 -11.42 -12.65 -11.06
C ALA A 870 -12.35 -13.80 -11.45
N PRO A 871 -13.64 -13.67 -11.17
CA PRO A 871 -14.60 -14.67 -11.64
C PRO A 871 -14.73 -14.60 -13.16
N PRO A 872 -15.24 -15.67 -13.78
CA PRO A 872 -15.44 -15.66 -15.24
C PRO A 872 -16.25 -14.44 -15.67
N GLY A 873 -15.70 -13.70 -16.63
CA GLY A 873 -16.27 -12.44 -17.07
C GLY A 873 -15.53 -11.23 -16.55
N TYR A 874 -14.48 -11.41 -15.76
CA TYR A 874 -13.72 -10.31 -15.18
C TYR A 874 -12.24 -10.63 -15.23
N THR A 875 -11.41 -9.58 -15.11
CA THR A 875 -9.97 -9.72 -15.14
C THR A 875 -9.36 -8.59 -14.32
N LEU A 876 -8.08 -8.73 -14.01
CA LEU A 876 -7.35 -7.72 -13.25
C LEU A 876 -6.45 -6.94 -14.20
N VAL A 877 -6.67 -5.63 -14.28
CA VAL A 877 -5.89 -4.74 -15.12
C VAL A 877 -5.21 -3.72 -14.24
N GLY A 878 -3.90 -3.55 -14.41
CA GLY A 878 -3.17 -2.60 -13.60
C GLY A 878 -1.91 -2.19 -14.32
N ALA A 879 -1.17 -1.28 -13.68
CA ALA A 879 0.06 -0.77 -14.27
C ALA A 879 0.93 -0.21 -13.14
N ASP A 880 2.18 0.09 -13.50
CA ASP A 880 3.14 0.67 -12.57
C ASP A 880 3.67 1.96 -13.18
N VAL A 881 3.84 2.97 -12.33
CA VAL A 881 4.32 4.27 -12.77
C VAL A 881 5.83 4.23 -12.93
N ASP A 882 6.32 4.87 -14.00
CA ASP A 882 7.74 4.85 -14.34
C ASP A 882 8.40 6.13 -13.82
N SER A 883 9.31 5.97 -12.85
CA SER A 883 10.08 7.07 -12.31
C SER A 883 9.15 8.20 -11.85
N GLN A 884 8.20 7.84 -10.99
CA GLN A 884 7.22 8.80 -10.50
C GLN A 884 7.90 9.84 -9.61
N GLU A 885 8.51 9.38 -8.51
CA GLU A 885 9.21 10.28 -7.62
C GLU A 885 10.43 10.91 -8.30
N LEU A 886 11.12 10.13 -9.14
CA LEU A 886 12.25 10.67 -9.90
C LEU A 886 11.80 11.85 -10.76
N TRP A 887 10.72 11.67 -11.51
CA TRP A 887 10.27 12.75 -12.38
C TRP A 887 9.69 13.91 -11.58
N ILE A 888 9.11 13.64 -10.42
CA ILE A 888 8.65 14.73 -9.55
C ILE A 888 9.83 15.62 -9.16
N ALA A 889 10.91 15.00 -8.68
CA ALA A 889 12.08 15.78 -8.32
C ALA A 889 12.67 16.49 -9.53
N ALA A 890 12.65 15.82 -10.70
CA ALA A 890 13.19 16.42 -11.92
C ALA A 890 12.43 17.69 -12.29
N VAL A 891 11.10 17.63 -12.29
CA VAL A 891 10.32 18.81 -12.66
C VAL A 891 10.47 19.90 -11.60
N LEU A 892 10.56 19.52 -10.32
CA LEU A 892 10.82 20.51 -9.27
C LEU A 892 12.12 21.27 -9.54
N GLY A 893 13.20 20.53 -9.79
CA GLY A 893 14.48 21.18 -10.03
C GLY A 893 14.46 22.04 -11.28
N ASP A 894 13.88 21.52 -12.36
CA ASP A 894 13.85 22.29 -13.61
C ASP A 894 13.06 23.59 -13.43
N ALA A 895 11.92 23.52 -12.73
CA ALA A 895 11.14 24.73 -12.50
C ALA A 895 11.88 25.71 -11.60
N HIS A 896 12.65 25.20 -10.63
CA HIS A 896 13.40 26.10 -9.76
C HIS A 896 14.52 26.81 -10.51
N PHE A 897 15.22 26.09 -11.40
CA PHE A 897 16.46 26.64 -11.95
C PHE A 897 16.21 27.64 -13.06
N ALA A 898 15.62 27.21 -14.18
CA ALA A 898 15.54 28.07 -15.35
C ALA A 898 14.22 28.01 -16.11
N GLY A 899 13.22 27.29 -15.61
CA GLY A 899 11.94 27.27 -16.28
C GLY A 899 11.89 26.50 -17.58
N MET A 900 12.83 25.60 -17.81
CA MET A 900 12.85 24.75 -18.99
C MET A 900 13.11 23.32 -18.57
N HIS A 901 12.69 22.38 -19.41
CA HIS A 901 12.94 20.98 -19.13
C HIS A 901 14.38 20.60 -19.49
N GLY A 902 15.03 19.88 -18.58
CA GLY A 902 16.38 19.42 -18.80
C GLY A 902 17.48 20.38 -18.40
N CYS A 903 17.16 21.47 -17.70
CA CYS A 903 18.19 22.43 -17.32
C CYS A 903 19.13 21.87 -16.25
N THR A 904 18.57 21.26 -15.20
CA THR A 904 19.35 20.81 -14.05
C THR A 904 20.13 19.54 -14.32
N ALA A 905 19.92 18.99 -15.50
CA ALA A 905 20.61 17.81 -16.02
C ALA A 905 20.16 16.54 -15.31
N PHE A 906 19.45 16.67 -14.19
CA PHE A 906 18.78 15.51 -13.62
C PHE A 906 17.56 15.17 -14.45
N GLY A 907 16.76 16.19 -14.79
CA GLY A 907 15.69 15.99 -15.74
C GLY A 907 16.22 15.58 -17.10
N TRP A 908 17.40 16.07 -17.47
CA TRP A 908 18.00 15.68 -18.74
C TRP A 908 18.32 14.19 -18.75
N MET A 909 18.99 13.70 -17.71
CA MET A 909 19.32 12.28 -17.65
C MET A 909 18.06 11.42 -17.58
N THR A 910 17.08 11.81 -16.76
CA THR A 910 15.85 11.04 -16.67
C THR A 910 15.10 11.02 -18.00
N LEU A 911 15.07 12.15 -18.70
CA LEU A 911 14.36 12.22 -19.97
C LEU A 911 15.00 11.33 -21.02
N GLN A 912 16.33 11.27 -21.04
CA GLN A 912 17.03 10.48 -22.04
C GLN A 912 17.34 9.07 -21.57
N GLY A 913 16.88 8.67 -20.39
CA GLY A 913 17.03 7.30 -19.98
C GLY A 913 16.05 6.38 -20.71
N ARG A 914 16.56 5.23 -21.14
CA ARG A 914 15.76 4.27 -21.90
C ARG A 914 15.84 2.91 -21.23
N LYS A 915 14.70 2.25 -21.14
CA LYS A 915 14.64 0.92 -20.53
C LYS A 915 14.94 -0.19 -21.54
N SER A 916 14.36 -0.10 -22.73
CA SER A 916 14.65 -1.09 -23.76
C SER A 916 16.11 -1.02 -24.20
N ARG A 917 16.64 0.20 -24.35
CA ARG A 917 18.03 0.35 -24.77
C ARG A 917 19.00 -0.08 -23.68
N GLY A 918 18.62 0.09 -22.42
CA GLY A 918 19.46 -0.31 -21.31
C GLY A 918 20.32 0.77 -20.71
N THR A 919 20.18 2.01 -21.16
CA THR A 919 20.94 3.14 -20.61
C THR A 919 19.95 4.13 -20.03
N ASP A 920 19.57 3.91 -18.77
CA ASP A 920 18.64 4.77 -18.06
C ASP A 920 19.27 5.22 -16.74
N LEU A 921 18.50 6.01 -15.99
CA LEU A 921 19.00 6.49 -14.70
C LEU A 921 19.26 5.34 -13.74
N HIS A 922 18.29 4.44 -13.60
CA HIS A 922 18.46 3.30 -12.70
C HIS A 922 19.60 2.40 -13.16
N SER A 923 19.65 2.11 -14.46
CA SER A 923 20.70 1.24 -14.98
C SER A 923 22.08 1.88 -14.80
N LYS A 924 22.20 3.18 -15.08
CA LYS A 924 23.48 3.85 -14.91
C LYS A 924 23.91 3.89 -13.45
N THR A 925 22.98 4.18 -12.55
CA THR A 925 23.32 4.18 -11.13
C THR A 925 23.75 2.79 -10.65
N ALA A 926 23.03 1.75 -11.08
CA ALA A 926 23.39 0.40 -10.70
C ALA A 926 24.76 0.02 -11.24
N THR A 927 25.05 0.40 -12.48
CA THR A 927 26.36 0.10 -13.06
C THR A 927 27.47 0.82 -12.32
N THR A 928 27.26 2.10 -11.99
CA THR A 928 28.29 2.86 -11.28
C THR A 928 28.52 2.30 -9.88
N VAL A 929 27.45 2.00 -9.15
CA VAL A 929 27.60 1.46 -7.80
C VAL A 929 28.04 0.00 -7.85
N GLY A 930 27.39 -0.79 -8.70
CA GLY A 930 27.66 -2.22 -8.74
C GLY A 930 26.59 -3.02 -8.04
N ILE A 931 25.34 -2.64 -8.23
CA ILE A 931 24.20 -3.30 -7.60
C ILE A 931 23.14 -3.59 -8.65
N SER A 932 21.98 -4.09 -8.22
CA SER A 932 20.90 -4.46 -9.12
C SER A 932 20.03 -3.24 -9.45
N ARG A 933 19.11 -3.44 -10.38
CA ARG A 933 18.23 -2.35 -10.79
C ARG A 933 17.29 -1.95 -9.66
N GLU A 934 16.78 -2.91 -8.90
CA GLU A 934 15.93 -2.58 -7.75
C GLU A 934 16.74 -1.86 -6.68
N HIS A 935 17.98 -2.28 -6.45
CA HIS A 935 18.85 -1.55 -5.53
C HIS A 935 19.07 -0.12 -6.00
N ALA A 936 19.24 0.06 -7.30
CA ALA A 936 19.41 1.41 -7.84
C ALA A 936 18.15 2.25 -7.64
N LYS A 937 16.97 1.64 -7.85
CA LYS A 937 15.73 2.36 -7.61
C LYS A 937 15.62 2.80 -6.15
N ILE A 938 15.92 1.88 -5.22
CA ILE A 938 15.85 2.21 -3.81
C ILE A 938 16.83 3.32 -3.46
N PHE A 939 18.06 3.23 -3.98
CA PHE A 939 19.07 4.25 -3.69
C PHE A 939 18.65 5.61 -4.21
N ASN A 940 18.16 5.67 -5.45
CA ASN A 940 17.75 6.94 -6.02
C ASN A 940 16.58 7.54 -5.25
N TYR A 941 15.60 6.72 -4.90
CA TYR A 941 14.45 7.24 -4.16
C TYR A 941 14.85 7.70 -2.76
N GLY A 942 15.77 6.99 -2.10
CA GLY A 942 16.24 7.44 -0.80
C GLY A 942 17.02 8.73 -0.88
N ARG A 943 17.80 8.90 -1.96
CA ARG A 943 18.53 10.15 -2.15
C ARG A 943 17.57 11.32 -2.43
N ILE A 944 16.52 11.07 -3.21
CA ILE A 944 15.59 12.14 -3.55
C ILE A 944 14.88 12.66 -2.30
N TYR A 945 14.51 11.76 -1.39
CA TYR A 945 13.93 12.16 -0.12
C TYR A 945 14.90 12.94 0.75
N GLY A 946 16.21 12.84 0.48
CA GLY A 946 17.19 13.54 1.26
C GLY A 946 17.80 12.66 2.33
N ALA A 947 19.03 12.22 2.13
CA ALA A 947 19.70 11.34 3.06
C ALA A 947 21.18 11.71 3.15
N GLY A 948 21.75 11.54 4.34
CA GLY A 948 23.17 11.79 4.51
C GLY A 948 24.03 10.66 3.96
N GLN A 949 25.34 10.92 3.94
CA GLN A 949 26.29 9.89 3.53
C GLN A 949 26.19 8.61 4.36
N PRO A 950 26.06 8.65 5.69
CA PRO A 950 25.94 7.38 6.44
C PRO A 950 24.78 6.51 5.98
N PHE A 951 23.63 7.09 5.65
CA PHE A 951 22.52 6.27 5.17
C PHE A 951 22.87 5.60 3.86
N ALA A 952 23.53 6.32 2.95
CA ALA A 952 23.92 5.74 1.68
C ALA A 952 24.93 4.63 1.87
N GLU A 953 25.89 4.81 2.78
CA GLU A 953 26.88 3.77 3.03
C GLU A 953 26.23 2.55 3.67
N ARG A 954 25.24 2.75 4.54
CA ARG A 954 24.52 1.61 5.12
C ARG A 954 23.73 0.86 4.05
N LEU A 955 23.09 1.61 3.14
CA LEU A 955 22.35 0.96 2.05
C LEU A 955 23.29 0.16 1.15
N LEU A 956 24.45 0.75 0.82
CA LEU A 956 25.41 0.05 -0.03
C LEU A 956 25.96 -1.19 0.66
N MET A 957 26.24 -1.10 1.95
CA MET A 957 26.68 -2.27 2.71
C MET A 957 25.59 -3.34 2.74
N GLN A 958 24.33 -2.92 2.83
CA GLN A 958 23.22 -3.88 2.78
C GLN A 958 23.15 -4.57 1.44
N PHE A 959 23.41 -3.83 0.35
CA PHE A 959 23.36 -4.38 -0.99
C PHE A 959 24.71 -4.95 -1.44
N ASN A 960 25.74 -4.89 -0.61
CA ASN A 960 27.03 -5.49 -0.87
C ASN A 960 27.82 -5.50 0.43
N HIS A 961 28.37 -6.66 0.80
CA HIS A 961 28.88 -6.86 2.15
C HIS A 961 30.39 -6.98 2.21
N ARG A 962 31.04 -7.44 1.14
CA ARG A 962 32.50 -7.47 1.10
C ARG A 962 33.08 -6.08 1.28
N LEU A 963 32.39 -5.07 0.76
CA LEU A 963 32.71 -3.68 0.99
C LEU A 963 32.88 -3.40 2.49
N THR A 964 33.97 -2.73 2.86
CA THR A 964 34.25 -2.44 4.25
C THR A 964 33.76 -1.04 4.61
N GLN A 965 33.62 -0.80 5.92
CA GLN A 965 33.07 0.47 6.39
C GLN A 965 33.99 1.64 6.03
N GLN A 966 35.30 1.47 6.20
CA GLN A 966 36.23 2.52 5.81
C GLN A 966 36.18 2.79 4.32
N GLU A 967 35.89 1.78 3.51
CA GLU A 967 35.67 1.98 2.09
C GLU A 967 34.24 2.38 1.77
N ALA A 968 33.28 1.98 2.61
CA ALA A 968 31.90 2.41 2.41
C ALA A 968 31.77 3.92 2.57
N ALA A 969 32.46 4.49 3.56
CA ALA A 969 32.44 5.94 3.72
C ALA A 969 33.03 6.64 2.50
N GLU A 970 34.14 6.11 1.99
CA GLU A 970 34.77 6.70 0.82
C GLU A 970 33.85 6.63 -0.40
N LYS A 971 33.20 5.47 -0.60
CA LYS A 971 32.31 5.31 -1.74
C LYS A 971 31.10 6.23 -1.62
N ALA A 972 30.53 6.36 -0.42
CA ALA A 972 29.42 7.27 -0.22
C ALA A 972 29.84 8.71 -0.48
N GLN A 973 31.03 9.09 -0.02
CA GLN A 973 31.53 10.43 -0.27
C GLN A 973 31.73 10.68 -1.76
N GLN A 974 32.26 9.69 -2.48
CA GLN A 974 32.43 9.83 -3.93
C GLN A 974 31.08 9.97 -4.62
N MET A 975 30.09 9.19 -4.20
CA MET A 975 28.75 9.31 -4.78
C MET A 975 28.15 10.68 -4.52
N TYR A 976 28.30 11.19 -3.30
CA TYR A 976 27.75 12.50 -2.96
C TYR A 976 28.55 13.65 -3.55
N ALA A 977 29.79 13.42 -3.97
CA ALA A 977 30.56 14.48 -4.61
C ALA A 977 29.94 14.90 -5.94
N ALA A 978 29.51 13.93 -6.76
CA ALA A 978 28.92 14.27 -8.04
C ALA A 978 27.55 14.92 -7.86
N THR A 979 26.70 14.31 -7.02
CA THR A 979 25.38 14.85 -6.77
C THR A 979 25.45 15.92 -5.68
N LYS A 980 24.27 16.44 -5.32
CA LYS A 980 24.13 17.38 -4.21
C LYS A 980 24.89 18.68 -4.45
N GLY A 981 26.22 18.61 -4.42
CA GLY A 981 27.03 19.81 -4.59
C GLY A 981 27.19 20.61 -3.31
N LEU A 982 27.53 21.87 -3.48
CA LEU A 982 27.67 22.78 -2.34
C LEU A 982 26.44 23.66 -2.19
N TRP A 1039 22.28 24.66 -2.41
CA TRP A 1039 23.09 23.69 -3.11
C TRP A 1039 23.47 24.18 -4.49
N LYS A 1040 24.76 24.10 -4.81
CA LYS A 1040 25.26 24.50 -6.13
C LYS A 1040 26.37 23.53 -6.55
N GLY A 1041 26.56 23.42 -7.86
CA GLY A 1041 27.64 22.63 -8.40
C GLY A 1041 27.38 21.15 -8.53
N GLY A 1042 26.20 20.68 -8.11
CA GLY A 1042 25.87 19.27 -8.20
C GLY A 1042 24.92 18.96 -9.35
N THR A 1043 24.77 17.65 -9.59
CA THR A 1043 23.85 17.20 -10.64
C THR A 1043 22.40 17.45 -10.24
N GLU A 1044 22.08 17.27 -8.97
CA GLU A 1044 20.71 17.40 -8.47
C GLU A 1044 20.63 18.46 -7.37
N SER A 1045 21.32 19.58 -7.57
CA SER A 1045 21.34 20.64 -6.57
C SER A 1045 20.07 21.48 -6.59
N GLU A 1046 19.52 21.73 -7.78
CA GLU A 1046 18.42 22.68 -7.91
C GLU A 1046 17.12 22.14 -7.33
N MET A 1047 16.89 20.83 -7.48
CA MET A 1047 15.73 20.22 -6.82
C MET A 1047 15.86 20.31 -5.31
N PHE A 1048 17.06 20.10 -4.78
CA PHE A 1048 17.26 20.26 -3.35
C PHE A 1048 16.98 21.70 -2.91
N ASN A 1049 17.44 22.67 -3.70
CA ASN A 1049 17.18 24.07 -3.37
C ASN A 1049 15.68 24.37 -3.39
N LYS A 1050 14.96 23.84 -4.38
CA LYS A 1050 13.51 24.04 -4.44
C LYS A 1050 12.81 23.41 -3.25
N LEU A 1051 13.22 22.20 -2.88
CA LEU A 1051 12.63 21.53 -1.72
C LEU A 1051 12.89 22.32 -0.44
N GLU A 1052 14.11 22.81 -0.26
CA GLU A 1052 14.41 23.59 0.93
C GLU A 1052 13.64 24.90 0.94
N SER A 1053 13.43 25.51 -0.23
CA SER A 1053 12.69 26.76 -0.29
C SER A 1053 11.23 26.56 0.08
N ILE A 1054 10.56 25.57 -0.53
CA ILE A 1054 9.14 25.38 -0.26
C ILE A 1054 8.92 24.84 1.15
N ALA A 1055 9.75 23.90 1.59
CA ALA A 1055 9.57 23.30 2.91
C ALA A 1055 9.75 24.32 4.02
N THR A 1056 10.68 25.25 3.86
CA THR A 1056 10.95 26.25 4.90
C THR A 1056 10.01 27.45 4.83
N SER A 1057 9.10 27.48 3.86
CA SER A 1057 8.16 28.59 3.78
C SER A 1057 7.20 28.58 4.97
N ASP A 1058 6.63 29.74 5.25
CA ASP A 1058 5.62 29.82 6.30
C ASP A 1058 4.42 28.97 5.94
N ILE A 1059 3.96 28.17 6.90
CA ILE A 1059 2.87 27.22 6.68
C ILE A 1059 3.24 26.34 5.49
N PRO A 1060 4.14 25.36 5.67
CA PRO A 1060 4.58 24.56 4.52
C PRO A 1060 3.42 23.90 3.81
N ARG A 1061 3.50 23.88 2.49
CA ARG A 1061 2.45 23.32 1.64
C ARG A 1061 3.09 22.54 0.51
N THR A 1062 2.34 21.58 -0.03
CA THR A 1062 2.81 20.83 -1.17
C THR A 1062 2.99 21.77 -2.36
N PRO A 1063 4.02 21.56 -3.19
CA PRO A 1063 4.23 22.46 -4.33
C PRO A 1063 3.08 22.46 -5.32
N VAL A 1064 2.27 21.41 -5.33
CA VAL A 1064 1.22 21.27 -6.33
C VAL A 1064 -0.14 21.62 -5.73
N LEU A 1065 -0.57 20.86 -4.72
CA LEU A 1065 -1.91 21.02 -4.17
C LEU A 1065 -1.97 21.98 -2.99
N GLY A 1066 -0.83 22.34 -2.41
CA GLY A 1066 -0.83 23.25 -1.28
C GLY A 1066 -1.55 22.71 -0.08
N CYS A 1067 -1.34 21.44 0.25
CA CYS A 1067 -1.92 20.82 1.43
C CYS A 1067 -0.87 20.75 2.53
N CYS A 1068 -1.18 21.33 3.68
CA CYS A 1068 -0.19 21.57 4.72
C CYS A 1068 0.26 20.26 5.35
N ILE A 1069 1.43 20.32 6.00
CA ILE A 1069 2.00 19.19 6.73
C ILE A 1069 1.25 19.03 8.04
N SER A 1070 1.46 17.90 8.72
CA SER A 1070 0.85 17.66 10.02
C SER A 1070 1.31 18.67 11.05
N ARG A 1071 0.45 18.93 12.03
CA ARG A 1071 0.76 19.90 13.08
C ARG A 1071 1.90 19.46 13.97
N ALA A 1072 2.30 18.19 13.92
CA ALA A 1072 3.37 17.69 14.77
C ALA A 1072 4.75 17.94 14.19
N LEU A 1073 4.84 18.56 13.01
CA LEU A 1073 6.14 18.78 12.36
C LEU A 1073 6.28 20.18 11.77
N GLU A 1074 5.34 21.09 12.04
CA GLU A 1074 5.44 22.42 11.48
C GLU A 1074 6.64 23.17 12.07
N PRO A 1075 7.26 24.06 11.28
CA PRO A 1075 8.50 24.71 11.75
C PRO A 1075 8.32 25.55 13.00
N SER A 1076 7.11 26.03 13.28
CA SER A 1076 6.89 26.82 14.47
C SER A 1076 7.12 26.00 15.74
N ALA A 1077 6.65 24.75 15.74
CA ALA A 1077 6.75 23.89 16.92
C ALA A 1077 7.96 22.97 16.90
N VAL A 1078 8.79 23.03 15.86
CA VAL A 1078 9.94 22.13 15.76
C VAL A 1078 11.21 22.96 15.60
N GLN A 1079 11.08 24.17 15.09
CA GLN A 1079 12.21 25.09 14.84
C GLN A 1079 13.18 24.38 13.88
N GLU A 1080 14.49 24.47 14.12
CA GLU A 1080 15.48 23.88 13.22
C GLU A 1080 15.81 22.46 13.68
N GLU A 1081 14.80 21.60 13.60
CA GLU A 1081 14.93 20.20 13.96
C GLU A 1081 14.15 19.35 12.97
N PHE A 1082 14.59 18.09 12.84
CA PHE A 1082 13.91 17.11 11.99
C PHE A 1082 13.77 17.60 10.55
N MET A 1083 14.82 18.26 10.05
CA MET A 1083 14.78 18.78 8.69
C MET A 1083 14.67 17.67 7.66
N THR A 1084 15.31 16.52 7.92
CA THR A 1084 15.27 15.42 6.98
C THR A 1084 13.85 14.92 6.76
N SER A 1085 13.09 14.73 7.85
CA SER A 1085 11.71 14.30 7.72
C SER A 1085 10.86 15.37 7.03
N ARG A 1086 11.12 16.64 7.33
CA ARG A 1086 10.35 17.72 6.70
C ARG A 1086 10.57 17.73 5.19
N VAL A 1087 11.82 17.56 4.75
CA VAL A 1087 12.10 17.52 3.32
C VAL A 1087 11.50 16.27 2.70
N ASN A 1088 11.64 15.12 3.37
CA ASN A 1088 11.06 13.88 2.85
C ASN A 1088 9.55 13.99 2.70
N TRP A 1089 8.91 14.77 3.57
CA TRP A 1089 7.47 14.97 3.45
C TRP A 1089 7.13 15.61 2.12
N VAL A 1090 7.95 16.55 1.65
CA VAL A 1090 7.65 17.23 0.40
C VAL A 1090 7.54 16.21 -0.73
N VAL A 1091 8.54 15.34 -0.87
CA VAL A 1091 8.55 14.39 -1.97
C VAL A 1091 7.46 13.34 -1.78
N GLN A 1092 7.35 12.78 -0.58
CA GLN A 1092 6.36 11.73 -0.37
C GLN A 1092 4.94 12.24 -0.53
N SER A 1093 4.64 13.44 -0.02
CA SER A 1093 3.32 14.02 -0.16
C SER A 1093 3.06 14.46 -1.59
N SER A 1094 4.10 14.87 -2.34
CA SER A 1094 3.92 15.10 -3.76
C SER A 1094 3.54 13.81 -4.47
N ALA A 1095 4.19 12.70 -4.10
CA ALA A 1095 3.83 11.40 -4.67
C ALA A 1095 2.42 10.99 -4.27
N VAL A 1096 2.03 11.27 -3.03
CA VAL A 1096 0.68 10.94 -2.56
C VAL A 1096 -0.35 11.80 -3.26
N ASP A 1097 -0.02 13.06 -3.53
CA ASP A 1097 -0.88 13.89 -4.36
C ASP A 1097 -0.97 13.33 -5.76
N TYR A 1098 0.14 12.82 -6.28
CA TYR A 1098 0.11 12.12 -7.56
C TYR A 1098 -0.87 10.95 -7.50
N LEU A 1099 -0.84 10.19 -6.40
CA LEU A 1099 -1.72 9.04 -6.25
C LEU A 1099 -3.18 9.46 -6.14
N HIS A 1100 -3.45 10.52 -5.37
CA HIS A 1100 -4.83 11.01 -5.24
C HIS A 1100 -5.34 11.55 -6.57
N LEU A 1101 -4.48 12.26 -7.31
CA LEU A 1101 -4.85 12.70 -8.64
C LEU A 1101 -5.12 11.50 -9.54
N MET A 1102 -4.30 10.45 -9.42
CA MET A 1102 -4.52 9.24 -10.20
C MET A 1102 -5.88 8.62 -9.87
N LEU A 1103 -6.20 8.53 -8.58
CA LEU A 1103 -7.46 7.91 -8.18
C LEU A 1103 -8.65 8.73 -8.67
N VAL A 1104 -8.61 10.04 -8.47
CA VAL A 1104 -9.74 10.87 -8.86
C VAL A 1104 -9.86 10.91 -10.38
N ALA A 1105 -8.74 10.97 -11.10
CA ALA A 1105 -8.78 11.00 -12.55
C ALA A 1105 -9.27 9.67 -13.10
N MET A 1106 -8.83 8.55 -12.54
CA MET A 1106 -9.28 7.25 -13.02
C MET A 1106 -10.76 7.06 -12.73
N LYS A 1107 -11.23 7.51 -11.57
CA LYS A 1107 -12.66 7.44 -11.27
C LYS A 1107 -13.46 8.29 -12.25
N TRP A 1108 -12.97 9.50 -12.53
CA TRP A 1108 -13.64 10.38 -13.49
C TRP A 1108 -13.65 9.77 -14.89
N LEU A 1109 -12.55 9.13 -15.29
CA LEU A 1109 -12.49 8.48 -16.60
C LEU A 1109 -13.45 7.32 -16.68
N PHE A 1110 -13.55 6.53 -15.61
CA PHE A 1110 -14.52 5.44 -15.57
C PHE A 1110 -15.94 5.96 -15.65
N GLU A 1111 -16.23 7.06 -14.95
CA GLU A 1111 -17.61 7.56 -14.90
C GLU A 1111 -18.01 8.27 -16.19
N GLU A 1112 -17.08 8.98 -16.83
CA GLU A 1112 -17.43 9.78 -17.98
C GLU A 1112 -17.74 8.92 -19.20
N PHE A 1113 -16.92 7.90 -19.45
CA PHE A 1113 -17.08 7.03 -20.59
C PHE A 1113 -17.82 5.74 -20.25
N ALA A 1114 -18.33 5.63 -19.02
CA ALA A 1114 -19.14 4.49 -18.59
C ALA A 1114 -18.37 3.18 -18.78
N ILE A 1115 -17.26 3.06 -18.04
CA ILE A 1115 -16.41 1.88 -18.08
C ILE A 1115 -16.77 0.99 -16.91
N ASP A 1116 -17.06 -0.28 -17.19
CA ASP A 1116 -17.45 -1.25 -16.16
C ASP A 1116 -16.18 -1.83 -15.55
N GLY A 1117 -15.74 -1.21 -14.45
CA GLY A 1117 -14.58 -1.66 -13.72
C GLY A 1117 -14.72 -1.25 -12.27
N ARG A 1118 -13.74 -1.65 -11.47
CA ARG A 1118 -13.78 -1.36 -10.04
C ARG A 1118 -12.37 -1.23 -9.51
N PHE A 1119 -12.17 -0.32 -8.56
CA PHE A 1119 -10.87 -0.19 -7.92
C PHE A 1119 -10.62 -1.41 -7.05
N CYS A 1120 -9.56 -2.15 -7.37
CA CYS A 1120 -9.22 -3.36 -6.63
C CYS A 1120 -8.25 -3.06 -5.49
N ILE A 1121 -7.08 -2.54 -5.80
CA ILE A 1121 -6.11 -2.18 -4.77
C ILE A 1121 -5.02 -1.32 -5.40
N SER A 1122 -4.41 -0.46 -4.59
CA SER A 1122 -3.30 0.38 -5.02
C SER A 1122 -2.13 0.18 -4.08
N ILE A 1123 -0.97 -0.14 -4.63
CA ILE A 1123 0.22 -0.45 -3.85
C ILE A 1123 1.27 0.61 -4.19
N HIS A 1124 1.33 1.66 -3.37
CA HIS A 1124 2.28 2.75 -3.55
C HIS A 1124 2.20 3.32 -4.97
N ASP A 1125 3.13 2.90 -5.83
CA ASP A 1125 3.16 3.34 -7.21
C ASP A 1125 2.43 2.39 -8.15
N GLU A 1126 1.94 1.26 -7.65
CA GLU A 1126 1.23 0.28 -8.44
C GLU A 1126 -0.26 0.38 -8.14
N VAL A 1127 -1.07 0.54 -9.17
CA VAL A 1127 -2.52 0.63 -9.04
C VAL A 1127 -3.14 -0.48 -9.86
N ARG A 1128 -4.05 -1.23 -9.24
CA ARG A 1128 -4.66 -2.40 -9.88
C ARG A 1128 -6.17 -2.24 -9.88
N TYR A 1129 -6.80 -2.80 -10.90
CA TYR A 1129 -8.24 -2.71 -11.07
C TYR A 1129 -8.80 -4.09 -11.42
N LEU A 1130 -10.02 -4.35 -10.95
CA LEU A 1130 -10.76 -5.55 -11.30
C LEU A 1130 -11.78 -5.16 -12.36
N VAL A 1131 -11.52 -5.56 -13.61
CA VAL A 1131 -12.32 -5.10 -14.73
C VAL A 1131 -12.91 -6.31 -15.44
N ARG A 1132 -13.91 -6.04 -16.28
CA ARG A 1132 -14.51 -7.08 -17.09
C ARG A 1132 -13.52 -7.56 -18.16
N GLU A 1133 -13.80 -8.74 -18.70
CA GLU A 1133 -13.00 -9.24 -19.80
C GLU A 1133 -13.21 -8.41 -21.07
N GLU A 1134 -14.40 -7.82 -21.22
CA GLU A 1134 -14.71 -7.10 -22.44
C GLU A 1134 -13.92 -5.81 -22.56
N ASP A 1135 -13.67 -5.13 -21.44
CA ASP A 1135 -13.01 -3.82 -21.45
C ASP A 1135 -11.80 -3.88 -20.52
N ARG A 1136 -10.64 -4.22 -21.10
CA ARG A 1136 -9.37 -4.25 -20.39
C ARG A 1136 -8.37 -3.27 -20.98
N TYR A 1137 -8.25 -3.25 -22.31
CA TYR A 1137 -7.39 -2.27 -22.95
C TYR A 1137 -7.93 -0.85 -22.77
N ARG A 1138 -9.24 -0.71 -22.58
CA ARG A 1138 -9.79 0.60 -22.25
C ARG A 1138 -9.30 1.07 -20.89
N ALA A 1139 -9.26 0.17 -19.90
CA ALA A 1139 -8.70 0.52 -18.61
C ALA A 1139 -7.22 0.86 -18.72
N ALA A 1140 -6.51 0.13 -19.58
CA ALA A 1140 -5.10 0.45 -19.80
C ALA A 1140 -4.92 1.86 -20.38
N LEU A 1141 -5.73 2.21 -21.39
CA LEU A 1141 -5.63 3.53 -22.00
C LEU A 1141 -6.02 4.62 -21.02
N ALA A 1142 -7.05 4.39 -20.21
CA ALA A 1142 -7.44 5.36 -19.21
C ALA A 1142 -6.32 5.57 -18.19
N LEU A 1143 -5.64 4.48 -17.80
CA LEU A 1143 -4.52 4.62 -16.87
C LEU A 1143 -3.37 5.40 -17.49
N GLN A 1144 -3.08 5.15 -18.77
CA GLN A 1144 -2.07 5.94 -19.46
C GLN A 1144 -2.43 7.43 -19.48
N ILE A 1145 -3.68 7.73 -19.82
CA ILE A 1145 -4.12 9.13 -19.88
C ILE A 1145 -4.05 9.77 -18.50
N THR A 1146 -4.38 8.99 -17.46
CA THR A 1146 -4.28 9.49 -16.09
C THR A 1146 -2.85 9.86 -15.75
N ASN A 1147 -1.89 9.00 -16.12
CA ASN A 1147 -0.49 9.31 -15.85
C ASN A 1147 -0.05 10.57 -16.60
N LEU A 1148 -0.44 10.69 -17.87
CA LEU A 1148 -0.08 11.86 -18.66
C LEU A 1148 -0.65 13.13 -18.04
N LEU A 1149 -1.94 13.11 -17.71
CA LEU A 1149 -2.60 14.29 -17.16
C LEU A 1149 -2.00 14.68 -15.81
N THR A 1150 -1.72 13.69 -14.96
CA THR A 1150 -1.11 13.98 -13.67
C THR A 1150 0.24 14.63 -13.85
N ARG A 1151 1.05 14.12 -14.79
CA ARG A 1151 2.38 14.71 -14.99
C ARG A 1151 2.27 16.12 -15.58
N CYS A 1152 1.32 16.35 -16.47
CA CYS A 1152 1.15 17.69 -17.03
C CYS A 1152 0.75 18.69 -15.95
N MET A 1153 -0.20 18.31 -15.09
CA MET A 1153 -0.60 19.22 -14.02
C MET A 1153 0.54 19.43 -13.02
N PHE A 1154 1.30 18.38 -12.72
CA PHE A 1154 2.43 18.52 -11.83
C PHE A 1154 3.45 19.50 -12.39
N ALA A 1155 3.72 19.41 -13.70
CA ALA A 1155 4.65 20.34 -14.32
C ALA A 1155 4.09 21.76 -14.30
N TYR A 1156 2.80 21.92 -14.60
CA TYR A 1156 2.24 23.27 -14.71
C TYR A 1156 2.23 23.97 -13.37
N LYS A 1157 1.98 23.24 -12.28
CA LYS A 1157 1.93 23.89 -10.97
C LYS A 1157 3.25 24.56 -10.64
N LEU A 1158 4.37 23.91 -10.99
CA LEU A 1158 5.67 24.46 -10.69
C LEU A 1158 6.09 25.58 -11.63
N GLY A 1159 5.32 25.84 -12.68
CA GLY A 1159 5.60 26.93 -13.58
C GLY A 1159 6.17 26.56 -14.93
N LEU A 1160 6.21 25.27 -15.26
CA LEU A 1160 6.78 24.80 -16.52
C LEU A 1160 5.66 24.60 -17.53
N ASN A 1161 5.84 25.14 -18.73
CA ASN A 1161 4.80 25.13 -19.75
C ASN A 1161 5.04 24.07 -20.82
N ASP A 1162 5.63 22.93 -20.46
CA ASP A 1162 5.85 21.86 -21.42
C ASP A 1162 6.10 20.56 -20.66
N LEU A 1163 5.98 19.44 -21.38
CA LEU A 1163 6.22 18.12 -20.81
C LEU A 1163 7.05 17.29 -21.79
N PRO A 1164 8.02 16.53 -21.30
CA PRO A 1164 8.79 15.66 -22.20
C PRO A 1164 7.93 14.56 -22.79
N GLN A 1165 8.37 14.07 -23.95
CA GLN A 1165 7.71 12.90 -24.54
C GLN A 1165 8.13 11.61 -23.87
N SER A 1166 9.38 11.53 -23.41
CA SER A 1166 9.93 10.26 -22.94
C SER A 1166 9.36 9.83 -21.59
N VAL A 1167 8.80 10.75 -20.81
CA VAL A 1167 8.24 10.39 -19.51
C VAL A 1167 6.77 10.76 -19.48
N ALA A 1168 6.12 10.70 -20.65
CA ALA A 1168 4.72 11.09 -20.78
C ALA A 1168 3.77 9.96 -20.38
N PHE A 1169 4.12 8.72 -20.71
CA PHE A 1169 3.21 7.59 -20.53
C PHE A 1169 3.88 6.43 -19.78
N PHE A 1170 3.08 5.41 -19.51
CA PHE A 1170 3.54 4.21 -18.82
C PHE A 1170 4.46 3.37 -19.71
N SER A 1171 5.40 2.68 -19.07
CA SER A 1171 6.24 1.74 -19.80
C SER A 1171 5.47 0.48 -20.18
N ALA A 1172 4.72 -0.09 -19.25
CA ALA A 1172 4.01 -1.34 -19.51
C ALA A 1172 2.79 -1.43 -18.60
N VAL A 1173 1.71 -1.96 -19.17
CA VAL A 1173 0.43 -2.13 -18.47
C VAL A 1173 0.04 -3.61 -18.54
N ASP A 1174 -0.34 -4.18 -17.40
CA ASP A 1174 -0.57 -5.60 -17.28
C ASP A 1174 -2.06 -5.91 -17.27
N ILE A 1175 -2.47 -6.90 -18.06
CA ILE A 1175 -3.83 -7.44 -18.05
C ILE A 1175 -3.72 -8.92 -17.74
N ASP A 1176 -4.39 -9.35 -16.67
CA ASP A 1176 -4.22 -10.71 -16.19
C ASP A 1176 -5.46 -11.13 -15.42
N ARG A 1177 -5.57 -12.44 -15.20
CA ARG A 1177 -6.60 -13.02 -14.35
C ARG A 1177 -6.11 -13.24 -12.92
N CYS A 1178 -4.88 -12.83 -12.62
CA CYS A 1178 -4.31 -12.94 -11.29
C CYS A 1178 -3.44 -11.72 -11.04
N LEU A 1179 -3.11 -11.48 -9.79
CA LEU A 1179 -2.21 -10.39 -9.42
C LEU A 1179 -0.78 -10.90 -9.46
N ARG A 1180 -0.01 -10.42 -10.44
CA ARG A 1180 1.42 -10.68 -10.49
C ARG A 1180 2.10 -9.57 -11.28
N LYS A 1181 3.37 -9.35 -10.98
CA LYS A 1181 4.09 -8.23 -11.57
C LYS A 1181 4.24 -8.40 -13.08
N GLU A 1182 4.51 -9.61 -13.54
CA GLU A 1182 4.61 -9.91 -14.96
C GLU A 1182 3.50 -10.86 -15.37
N VAL A 1183 3.07 -10.71 -16.62
CA VAL A 1183 1.94 -11.47 -17.15
C VAL A 1183 2.43 -12.79 -17.74
N THR A 1184 3.70 -13.09 -17.56
CA THR A 1184 4.31 -14.25 -18.18
C THR A 1184 4.72 -15.34 -17.21
N MET A 1185 5.01 -15.01 -15.96
CA MET A 1185 5.47 -16.00 -15.00
C MET A 1185 4.37 -17.04 -14.72
N ASP A 1186 4.79 -18.29 -14.61
CA ASP A 1186 3.85 -19.40 -14.46
C ASP A 1186 3.52 -19.71 -13.01
N CYS A 1187 4.11 -18.98 -12.07
CA CYS A 1187 3.80 -19.12 -10.64
C CYS A 1187 3.94 -20.57 -10.19
N LYS A 1188 5.05 -21.19 -10.59
CA LYS A 1188 5.36 -22.55 -10.17
C LYS A 1188 5.94 -22.48 -8.77
N THR A 1189 5.18 -22.93 -7.79
CA THR A 1189 5.55 -22.84 -6.38
C THR A 1189 5.67 -24.25 -5.82
N PRO A 1190 6.32 -24.40 -4.67
CA PRO A 1190 6.32 -25.73 -4.04
C PRO A 1190 4.93 -26.25 -3.79
N SER A 1191 3.96 -25.37 -3.54
CA SER A 1191 2.57 -25.79 -3.42
C SER A 1191 1.85 -25.87 -4.75
N ASN A 1192 2.34 -25.17 -5.77
CA ASN A 1192 1.78 -25.22 -7.12
C ASN A 1192 2.91 -25.50 -8.09
N PRO A 1193 3.45 -26.72 -8.08
CA PRO A 1193 4.62 -27.03 -8.93
C PRO A 1193 4.27 -27.13 -10.40
N THR A 1194 3.00 -27.25 -10.74
CA THR A 1194 2.60 -27.45 -12.13
C THR A 1194 2.37 -26.14 -12.86
N GLY A 1195 1.84 -25.13 -12.17
CA GLY A 1195 1.58 -23.85 -12.78
C GLY A 1195 0.13 -23.44 -12.68
N MET A 1196 -0.17 -22.16 -12.93
CA MET A 1196 -1.55 -21.70 -12.86
C MET A 1196 -2.41 -22.41 -13.89
N GLU A 1197 -1.89 -22.59 -15.10
CA GLU A 1197 -2.68 -23.25 -16.15
C GLU A 1197 -2.98 -24.70 -15.80
N ARG A 1198 -2.00 -25.41 -15.23
CA ARG A 1198 -2.20 -26.83 -14.93
C ARG A 1198 -3.05 -27.03 -13.67
N ARG A 1199 -2.88 -26.18 -12.66
CA ARG A 1199 -3.63 -26.36 -11.42
C ARG A 1199 -5.03 -25.75 -11.52
N TYR A 1200 -5.12 -24.46 -11.83
CA TYR A 1200 -6.39 -23.74 -11.80
C TYR A 1200 -6.87 -23.33 -13.19
N GLY A 1201 -6.24 -23.85 -14.25
CA GLY A 1201 -6.65 -23.50 -15.60
C GLY A 1201 -6.53 -22.02 -15.91
N ILE A 1202 -5.45 -21.39 -15.45
CA ILE A 1202 -5.26 -19.96 -15.58
C ILE A 1202 -4.14 -19.71 -16.60
N PRO A 1203 -4.44 -19.12 -17.75
CA PRO A 1203 -3.43 -18.89 -18.77
C PRO A 1203 -2.54 -17.71 -18.41
N GLN A 1204 -1.65 -17.36 -19.33
CA GLN A 1204 -0.80 -16.19 -19.17
C GLN A 1204 -1.49 -14.95 -19.72
N GLY A 1205 -1.10 -13.80 -19.19
CA GLY A 1205 -1.69 -12.53 -19.56
C GLY A 1205 -0.91 -11.82 -20.65
N GLU A 1206 -1.20 -10.52 -20.78
CA GLU A 1206 -0.56 -9.69 -21.77
C GLU A 1206 -0.03 -8.42 -21.11
N ALA A 1207 1.09 -7.93 -21.62
CA ALA A 1207 1.64 -6.63 -21.23
C ALA A 1207 1.72 -5.76 -22.47
N LEU A 1208 1.39 -4.48 -22.30
CA LEU A 1208 1.23 -3.62 -23.45
C LEU A 1208 1.93 -2.29 -23.20
N ASP A 1209 2.30 -1.63 -24.29
CA ASP A 1209 2.91 -0.31 -24.28
C ASP A 1209 1.91 0.67 -24.89
N ILE A 1210 2.23 1.96 -24.80
CA ILE A 1210 1.27 3.00 -25.17
C ILE A 1210 0.88 2.86 -26.64
N TYR A 1211 1.86 2.55 -27.50
CA TYR A 1211 1.57 2.36 -28.92
C TYR A 1211 0.62 1.18 -29.14
N GLN A 1212 0.89 0.06 -28.46
CA GLN A 1212 0.04 -1.10 -28.58
C GLN A 1212 -1.36 -0.83 -28.03
N ILE A 1213 -1.45 -0.12 -26.91
CA ILE A 1213 -2.75 0.20 -26.33
C ILE A 1213 -3.55 1.09 -27.26
N ILE A 1214 -2.90 2.09 -27.85
CA ILE A 1214 -3.58 2.96 -28.81
C ILE A 1214 -4.04 2.17 -30.02
N GLU A 1215 -3.19 1.26 -30.52
CA GLU A 1215 -3.56 0.45 -31.67
C GLU A 1215 -4.77 -0.44 -31.36
N LEU A 1216 -4.80 -1.02 -30.16
CA LEU A 1216 -5.91 -1.90 -29.79
C LEU A 1216 -7.20 -1.13 -29.59
N THR A 1217 -7.14 0.00 -28.88
CA THR A 1217 -8.33 0.76 -28.54
C THR A 1217 -8.65 1.86 -29.54
N LYS A 1218 -7.84 2.02 -30.59
CA LYS A 1218 -8.04 3.06 -31.61
C LYS A 1218 -8.09 4.46 -31.01
N GLY A 1219 -7.49 4.65 -29.83
CA GLY A 1219 -7.49 5.95 -29.19
C GLY A 1219 -8.83 6.39 -28.65
N SER A 1220 -9.74 5.46 -28.39
CA SER A 1220 -11.07 5.78 -27.89
C SER A 1220 -11.41 4.88 -26.71
N LEU A 1221 -12.23 5.41 -25.79
CA LEU A 1221 -12.72 4.67 -24.64
C LEU A 1221 -14.21 4.38 -24.73
N GLU A 1222 -14.80 4.54 -25.91
CA GLU A 1222 -16.21 4.27 -26.11
C GLU A 1222 -16.41 2.78 -26.43
N LYS A 1223 -17.61 2.43 -26.87
CA LYS A 1223 -17.91 1.04 -27.21
C LYS A 1223 -17.86 0.81 -28.71
#